data_3C1Z
#
_entry.id   3C1Z
#
_cell.length_a   108.930
_cell.length_b   108.930
_cell.length_c   166.470
_cell.angle_alpha   90.000
_cell.angle_beta   90.000
_cell.angle_gamma   90.000
#
_symmetry.space_group_name_H-M   'P 4 21 2'
#
loop_
_entity.id
_entity.type
_entity.pdbx_description
1 polymer 'DNA integrity scanning protein disA'
2 water water
#
_entity_poly.entity_id   1
_entity_poly.type   'polypeptide(L)'
_entity_poly.pdbx_seq_one_letter_code
;MGSSHHHHHHSSGLVPRGSHMGVKSLVPQELIEKIKLISPGTELRKALDDIINANFGALIFLVDDPKKYEDVIQGGFWLD
TDFSAEKLYELSKMDGAIVLSEDITKIYYANVHLVPDPTIPTGETGTRHRTAERLAKQTGKVVIAVSRRRNIISLYYKNY
KYVVNQVDFLISKVTQAISTLEKYKDNFNKLLSELEVLELENRVTLADVVRTLAKGFELLRIVEEIRPYIVELGEEGRLA
RMQLRELTEDVDDLLVLLIMDYSSEEVEEETAQNILQDFITRREPSPISISRVLGYDVQQAAQLDDVLVSARGYRLLKTV
ARIPLSIGYNVVRMFKTLDQISKASVEDLKKVEGIGEKRARAISESISSLKHRKTSE
;
_entity_poly.pdbx_strand_id   A,B
#
# COMPACT_ATOMS: atom_id res chain seq x y z
N VAL A 27 -4.13 -16.33 27.37
CA VAL A 27 -3.42 -16.50 26.06
C VAL A 27 -3.47 -17.96 25.62
N PRO A 28 -4.29 -18.27 24.60
CA PRO A 28 -4.42 -19.65 24.11
C PRO A 28 -3.07 -20.27 23.74
N GLN A 29 -2.86 -21.51 24.19
CA GLN A 29 -1.62 -22.23 23.90
C GLN A 29 -1.40 -22.27 22.38
N GLU A 30 -2.50 -22.39 21.64
CA GLU A 30 -2.49 -22.43 20.18
C GLU A 30 -1.67 -21.28 19.58
N LEU A 31 -1.83 -20.10 20.17
CA LEU A 31 -1.12 -18.91 19.72
C LEU A 31 0.33 -18.94 20.20
N ILE A 32 0.54 -19.46 21.40
CA ILE A 32 1.88 -19.57 21.99
C ILE A 32 2.79 -20.34 21.03
N GLU A 33 2.26 -21.41 20.45
CA GLU A 33 3.04 -22.23 19.52
C GLU A 33 3.49 -21.40 18.31
N LYS A 34 2.63 -20.48 17.87
CA LYS A 34 2.97 -19.66 16.73
C LYS A 34 4.00 -18.60 17.11
N ILE A 35 3.86 -18.04 18.31
CA ILE A 35 4.77 -17.01 18.78
C ILE A 35 6.21 -17.53 18.87
N LYS A 36 6.36 -18.83 19.05
CA LYS A 36 7.69 -19.42 19.15
C LYS A 36 8.42 -19.27 17.83
N LEU A 37 7.66 -19.29 16.74
CA LEU A 37 8.23 -19.17 15.41
C LEU A 37 9.05 -17.89 15.25
N ILE A 38 8.64 -16.82 15.92
CA ILE A 38 9.35 -15.56 15.81
C ILE A 38 10.00 -15.08 17.11
N SER A 39 10.40 -16.02 17.95
CA SER A 39 11.03 -15.67 19.22
C SER A 39 12.54 -15.54 19.06
N PRO A 40 13.18 -14.74 19.93
CA PRO A 40 14.63 -14.59 19.82
C PRO A 40 15.29 -15.98 19.82
N GLY A 41 16.18 -16.20 18.85
CA GLY A 41 16.86 -17.48 18.73
C GLY A 41 16.65 -18.09 17.36
N THR A 42 15.42 -17.97 16.85
CA THR A 42 15.08 -18.53 15.52
C THR A 42 15.69 -17.72 14.39
N GLU A 43 15.94 -18.38 13.26
CA GLU A 43 16.49 -17.71 12.10
C GLU A 43 15.46 -16.71 11.58
N LEU A 44 14.18 -17.08 11.67
CA LEU A 44 13.12 -16.18 11.23
C LEU A 44 13.21 -14.84 11.97
N ARG A 45 13.30 -14.88 13.29
CA ARG A 45 13.40 -13.64 14.08
C ARG A 45 14.68 -12.88 13.70
N LYS A 46 15.71 -13.64 13.38
CA LYS A 46 16.99 -13.05 12.99
C LYS A 46 16.77 -12.19 11.75
N ALA A 47 16.04 -12.73 10.78
CA ALA A 47 15.75 -12.00 9.55
C ALA A 47 14.85 -10.80 9.83
N LEU A 48 13.87 -10.98 10.71
CA LEU A 48 12.93 -9.91 11.05
C LEU A 48 13.60 -8.75 11.75
N ASP A 49 14.59 -9.04 12.57
CA ASP A 49 15.30 -7.96 13.26
C ASP A 49 16.08 -7.15 12.24
N ASP A 50 16.80 -7.84 11.35
CA ASP A 50 17.56 -7.18 10.30
C ASP A 50 16.60 -6.32 9.47
N ILE A 51 15.44 -6.86 9.15
CA ILE A 51 14.49 -6.11 8.37
C ILE A 51 14.06 -4.85 9.12
N ILE A 52 13.86 -4.96 10.44
CA ILE A 52 13.47 -3.79 11.22
C ILE A 52 14.56 -2.73 11.21
N ASN A 53 15.81 -3.15 11.40
CA ASN A 53 16.93 -2.23 11.40
C ASN A 53 17.11 -1.49 10.09
N ALA A 54 16.71 -2.13 8.99
CA ALA A 54 16.86 -1.53 7.66
C ALA A 54 15.64 -0.70 7.28
N ASN A 55 14.60 -0.77 8.09
CA ASN A 55 13.38 -0.03 7.82
C ASN A 55 12.70 -0.44 6.52
N PHE A 56 13.00 -1.64 6.03
CA PHE A 56 12.31 -2.13 4.83
C PHE A 56 11.01 -2.62 5.45
N GLY A 57 10.03 -2.96 4.63
CA GLY A 57 8.81 -3.47 5.22
C GLY A 57 8.76 -4.98 5.07
N ALA A 58 7.77 -5.62 5.68
CA ALA A 58 7.64 -7.05 5.51
C ALA A 58 6.20 -7.50 5.74
N LEU A 59 5.78 -8.46 4.93
CA LEU A 59 4.46 -9.05 5.03
C LEU A 59 4.70 -10.52 4.66
N ILE A 60 4.65 -11.39 5.67
CA ILE A 60 4.90 -12.80 5.47
C ILE A 60 3.67 -13.66 5.78
N PHE A 61 3.37 -14.57 4.86
CA PHE A 61 2.21 -15.45 4.95
C PHE A 61 2.67 -16.90 5.04
N LEU A 62 2.32 -17.58 6.14
CA LEU A 62 2.72 -18.97 6.35
C LEU A 62 1.66 -20.00 5.96
N VAL A 63 1.95 -20.77 4.92
CA VAL A 63 1.00 -21.76 4.43
C VAL A 63 1.60 -23.14 4.25
N ASP A 64 0.76 -24.16 4.42
CA ASP A 64 1.19 -25.54 4.26
C ASP A 64 1.27 -25.93 2.79
N ASP A 65 0.21 -25.64 2.04
CA ASP A 65 0.16 -25.95 0.61
C ASP A 65 -0.28 -24.72 -0.16
N PRO A 66 0.66 -24.07 -0.86
CA PRO A 66 0.42 -22.85 -1.65
C PRO A 66 -0.72 -22.96 -2.66
N LYS A 67 -0.86 -24.13 -3.26
CA LYS A 67 -1.89 -24.37 -4.27
C LYS A 67 -3.28 -23.91 -3.84
N LYS A 68 -3.73 -24.39 -2.69
CA LYS A 68 -5.06 -24.03 -2.21
C LYS A 68 -5.21 -22.59 -1.75
N TYR A 69 -4.20 -21.78 -2.00
CA TYR A 69 -4.29 -20.37 -1.60
C TYR A 69 -4.01 -19.42 -2.76
N GLU A 70 -3.93 -19.97 -3.96
CA GLU A 70 -3.65 -19.18 -5.15
C GLU A 70 -4.69 -18.09 -5.41
N ASP A 71 -5.87 -18.24 -4.82
CA ASP A 71 -6.93 -17.26 -4.99
C ASP A 71 -6.60 -15.96 -4.25
N VAL A 72 -5.87 -16.07 -3.14
CA VAL A 72 -5.48 -14.89 -2.37
C VAL A 72 -4.03 -14.44 -2.67
N ILE A 73 -3.35 -15.17 -3.56
CA ILE A 73 -1.97 -14.86 -3.93
C ILE A 73 -1.92 -14.39 -5.38
N GLN A 74 -1.56 -13.12 -5.60
CA GLN A 74 -1.49 -12.61 -6.97
C GLN A 74 -0.09 -12.12 -7.35
N GLY A 75 0.25 -12.33 -8.62
CA GLY A 75 1.54 -11.90 -9.15
C GLY A 75 2.75 -12.44 -8.42
N GLY A 76 3.79 -11.61 -8.32
CA GLY A 76 4.99 -12.01 -7.62
C GLY A 76 5.83 -13.03 -8.39
N PHE A 77 6.70 -13.73 -7.65
CA PHE A 77 7.58 -14.74 -8.24
C PHE A 77 7.49 -16.09 -7.51
N TRP A 78 7.48 -17.17 -8.27
CA TRP A 78 7.47 -18.51 -7.70
C TRP A 78 8.96 -18.87 -7.49
N LEU A 79 9.32 -19.18 -6.25
CA LEU A 79 10.70 -19.50 -5.90
C LEU A 79 10.91 -20.95 -5.51
N ASP A 80 10.03 -21.44 -4.64
CA ASP A 80 10.10 -22.81 -4.14
C ASP A 80 11.52 -23.18 -3.75
N THR A 81 12.17 -22.31 -2.96
CA THR A 81 13.54 -22.55 -2.55
C THR A 81 13.68 -22.71 -1.04
N ASP A 82 14.84 -23.19 -0.60
CA ASP A 82 15.10 -23.40 0.83
C ASP A 82 15.16 -22.07 1.58
N PHE A 83 14.59 -22.05 2.77
CA PHE A 83 14.60 -20.83 3.58
C PHE A 83 15.93 -20.53 4.25
N SER A 84 16.23 -19.24 4.42
CA SER A 84 17.41 -18.78 5.13
C SER A 84 17.06 -17.35 5.52
N ALA A 85 17.69 -16.84 6.57
CA ALA A 85 17.42 -15.48 7.02
C ALA A 85 17.90 -14.48 5.97
N GLU A 86 19.07 -14.76 5.40
CA GLU A 86 19.62 -13.85 4.39
C GLU A 86 18.71 -13.75 3.17
N LYS A 87 18.14 -14.89 2.78
CA LYS A 87 17.24 -14.90 1.63
C LYS A 87 15.99 -14.08 1.93
N LEU A 88 15.42 -14.25 3.13
CA LEU A 88 14.22 -13.52 3.51
C LEU A 88 14.47 -12.02 3.53
N TYR A 89 15.60 -11.63 4.11
CA TYR A 89 15.99 -10.23 4.21
C TYR A 89 16.13 -9.59 2.84
N GLU A 90 16.80 -10.28 1.92
CA GLU A 90 17.01 -9.75 0.57
C GLU A 90 15.69 -9.64 -0.17
N LEU A 91 14.91 -10.71 -0.11
CA LEU A 91 13.61 -10.74 -0.75
C LEU A 91 12.73 -9.59 -0.23
N SER A 92 12.86 -9.28 1.05
CA SER A 92 12.00 -8.23 1.61
C SER A 92 12.32 -6.84 1.09
N LYS A 93 13.38 -6.70 0.31
CA LYS A 93 13.71 -5.38 -0.24
C LYS A 93 12.71 -5.01 -1.32
N MET A 94 11.97 -6.00 -1.82
CA MET A 94 10.98 -5.74 -2.86
C MET A 94 9.63 -5.51 -2.19
N ASP A 95 8.71 -4.89 -2.93
CA ASP A 95 7.36 -4.63 -2.43
C ASP A 95 6.55 -5.93 -2.31
N GLY A 96 5.36 -5.83 -1.77
CA GLY A 96 4.54 -7.02 -1.68
C GLY A 96 4.86 -7.94 -0.53
N ALA A 97 4.38 -9.18 -0.63
CA ALA A 97 4.56 -10.17 0.42
C ALA A 97 5.40 -11.36 0.03
N ILE A 98 5.82 -12.08 1.06
CA ILE A 98 6.59 -13.30 0.91
C ILE A 98 5.72 -14.43 1.48
N VAL A 99 5.79 -15.61 0.85
CA VAL A 99 5.01 -16.74 1.33
C VAL A 99 5.97 -17.86 1.69
N LEU A 100 5.91 -18.30 2.95
CA LEU A 100 6.77 -19.34 3.46
C LEU A 100 5.95 -20.56 3.86
N SER A 101 6.63 -21.68 4.11
CA SER A 101 5.98 -22.89 4.54
C SER A 101 5.82 -22.72 6.04
N GLU A 102 4.80 -23.34 6.61
CA GLU A 102 4.52 -23.23 8.03
C GLU A 102 5.70 -23.67 8.91
N ASP A 103 6.52 -24.60 8.41
CA ASP A 103 7.66 -25.06 9.19
C ASP A 103 8.91 -24.20 8.92
N ILE A 104 8.68 -23.07 8.27
CA ILE A 104 9.75 -22.12 7.95
C ILE A 104 10.97 -22.79 7.31
N THR A 105 10.73 -23.75 6.43
CA THR A 105 11.84 -24.44 5.77
C THR A 105 11.84 -24.09 4.28
N LYS A 106 10.77 -23.45 3.82
CA LYS A 106 10.64 -23.10 2.41
C LYS A 106 10.11 -21.69 2.13
N ILE A 107 10.65 -21.06 1.09
CA ILE A 107 10.16 -19.76 0.64
C ILE A 107 9.51 -20.11 -0.70
N TYR A 108 8.19 -20.00 -0.75
CA TYR A 108 7.45 -20.32 -1.97
C TYR A 108 7.29 -19.15 -2.95
N TYR A 109 6.94 -17.99 -2.41
CA TYR A 109 6.73 -16.79 -3.22
C TYR A 109 7.41 -15.56 -2.61
N ALA A 110 7.62 -14.55 -3.46
CA ALA A 110 8.19 -13.30 -3.03
C ALA A 110 7.55 -12.25 -3.93
N ASN A 111 7.48 -11.02 -3.45
CA ASN A 111 6.90 -9.92 -4.23
C ASN A 111 5.43 -10.14 -4.67
N VAL A 112 4.65 -10.89 -3.89
CA VAL A 112 3.25 -11.11 -4.31
C VAL A 112 2.27 -10.13 -3.71
N HIS A 113 1.08 -10.07 -4.30
CA HIS A 113 0.01 -9.22 -3.78
C HIS A 113 -0.97 -10.16 -3.05
N LEU A 114 -1.15 -9.96 -1.75
CA LEU A 114 -2.08 -10.78 -0.99
C LEU A 114 -3.43 -10.06 -1.08
N VAL A 115 -4.48 -10.80 -1.46
CA VAL A 115 -5.80 -10.18 -1.61
C VAL A 115 -6.96 -10.83 -0.84
N PRO A 116 -6.98 -10.68 0.49
CA PRO A 116 -8.07 -11.27 1.24
C PRO A 116 -9.35 -10.49 0.96
N ASP A 117 -10.49 -10.99 1.45
CA ASP A 117 -11.76 -10.33 1.25
C ASP A 117 -11.75 -9.00 2.00
N PRO A 118 -11.91 -7.88 1.27
CA PRO A 118 -11.91 -6.51 1.80
C PRO A 118 -13.05 -6.19 2.75
N THR A 119 -14.11 -7.00 2.75
CA THR A 119 -15.24 -6.76 3.63
C THR A 119 -15.03 -7.38 5.01
N ILE A 120 -13.91 -8.05 5.20
CA ILE A 120 -13.63 -8.64 6.50
C ILE A 120 -13.29 -7.50 7.45
N PRO A 121 -13.89 -7.49 8.65
CA PRO A 121 -13.62 -6.44 9.62
C PRO A 121 -12.17 -6.40 10.09
N THR A 122 -11.67 -5.20 10.34
CA THR A 122 -10.30 -5.03 10.81
C THR A 122 -10.15 -3.79 11.67
N GLY A 123 -9.43 -3.94 12.78
CA GLY A 123 -9.20 -2.81 13.66
C GLY A 123 -7.86 -2.16 13.38
N GLU A 124 -7.18 -2.65 12.34
CA GLU A 124 -5.86 -2.13 11.98
C GLU A 124 -5.93 -0.90 11.11
N THR A 125 -4.80 -0.19 11.03
CA THR A 125 -4.68 1.01 10.22
C THR A 125 -3.55 0.78 9.21
N GLY A 126 -3.69 1.35 8.02
CA GLY A 126 -2.64 1.14 7.05
C GLY A 126 -2.82 -0.20 6.36
N THR A 127 -2.75 -0.17 5.05
CA THR A 127 -2.94 -1.34 4.20
C THR A 127 -2.22 -2.63 4.60
N ARG A 128 -0.97 -2.53 5.02
CA ARG A 128 -0.19 -3.71 5.38
C ARG A 128 -0.77 -4.55 6.53
N HIS A 129 -1.24 -3.88 7.59
CA HIS A 129 -1.78 -4.56 8.74
C HIS A 129 -3.23 -4.99 8.55
N ARG A 130 -3.98 -4.22 7.79
CA ARG A 130 -5.37 -4.57 7.51
C ARG A 130 -5.37 -5.84 6.65
N THR A 131 -4.44 -5.92 5.71
CA THR A 131 -4.30 -7.07 4.83
C THR A 131 -3.92 -8.28 5.64
N ALA A 132 -2.98 -8.09 6.57
CA ALA A 132 -2.52 -9.20 7.40
C ALA A 132 -3.63 -9.78 8.27
N GLU A 133 -4.35 -8.90 8.97
CA GLU A 133 -5.42 -9.35 9.85
C GLU A 133 -6.54 -10.07 9.09
N ARG A 134 -6.97 -9.50 7.97
CA ARG A 134 -8.04 -10.11 7.21
C ARG A 134 -7.64 -11.46 6.63
N LEU A 135 -6.40 -11.58 6.16
CA LEU A 135 -5.94 -12.84 5.59
C LEU A 135 -5.83 -13.90 6.67
N ALA A 136 -5.37 -13.51 7.85
CA ALA A 136 -5.24 -14.47 8.94
C ALA A 136 -6.63 -14.93 9.33
N LYS A 137 -7.57 -13.99 9.43
CA LYS A 137 -8.94 -14.32 9.77
C LYS A 137 -9.56 -15.18 8.67
N GLN A 138 -9.30 -14.82 7.42
CA GLN A 138 -9.86 -15.56 6.31
C GLN A 138 -9.38 -17.01 6.15
N THR A 139 -8.08 -17.22 6.26
CA THR A 139 -7.50 -18.54 6.07
C THR A 139 -7.19 -19.35 7.33
N GLY A 140 -7.17 -18.71 8.48
CA GLY A 140 -6.85 -19.43 9.70
C GLY A 140 -5.36 -19.73 9.76
N LYS A 141 -4.57 -19.05 8.92
CA LYS A 141 -3.12 -19.23 8.87
C LYS A 141 -2.39 -18.04 9.50
N VAL A 142 -1.08 -18.18 9.67
CA VAL A 142 -0.29 -17.10 10.26
C VAL A 142 0.17 -16.08 9.21
N VAL A 143 0.03 -14.81 9.55
CA VAL A 143 0.47 -13.72 8.69
C VAL A 143 1.27 -12.75 9.55
N ILE A 144 2.51 -12.48 9.15
CA ILE A 144 3.40 -11.59 9.90
C ILE A 144 3.60 -10.26 9.19
N ALA A 145 3.34 -9.17 9.90
CA ALA A 145 3.50 -7.84 9.33
C ALA A 145 4.56 -7.04 10.09
N VAL A 146 5.38 -6.31 9.34
CA VAL A 146 6.40 -5.45 9.91
C VAL A 146 6.35 -4.16 9.09
N SER A 147 6.05 -3.05 9.75
CA SER A 147 5.98 -1.77 9.05
C SER A 147 7.31 -1.01 9.14
N ARG A 148 7.43 0.04 8.33
CA ARG A 148 8.64 0.86 8.31
C ARG A 148 8.69 1.90 9.44
N ARG A 149 7.56 2.52 9.73
CA ARG A 149 7.45 3.56 10.76
C ARG A 149 7.37 3.05 12.20
N ARG A 150 8.01 1.92 12.49
CA ARG A 150 8.01 1.38 13.84
C ARG A 150 8.90 0.14 13.94
N ASN A 151 9.31 -0.19 15.15
CA ASN A 151 10.20 -1.33 15.34
C ASN A 151 9.59 -2.55 16.03
N ILE A 152 8.32 -2.86 15.74
CA ILE A 152 7.67 -4.02 16.35
C ILE A 152 7.08 -5.00 15.32
N ILE A 153 7.04 -6.27 15.71
CA ILE A 153 6.52 -7.31 14.84
C ILE A 153 5.08 -7.64 15.26
N SER A 154 4.16 -7.64 14.30
CA SER A 154 2.78 -7.98 14.60
C SER A 154 2.47 -9.33 13.95
N LEU A 155 2.02 -10.28 14.76
CA LEU A 155 1.70 -11.61 14.26
C LEU A 155 0.18 -11.83 14.33
N TYR A 156 -0.40 -12.24 13.22
CA TYR A 156 -1.83 -12.49 13.15
C TYR A 156 -2.10 -13.96 12.91
N TYR A 157 -2.94 -14.54 13.77
CA TYR A 157 -3.30 -15.93 13.68
C TYR A 157 -4.79 -16.04 13.94
N LYS A 158 -5.54 -16.41 12.90
CA LYS A 158 -6.98 -16.51 13.01
C LYS A 158 -7.51 -15.14 13.46
N ASN A 159 -8.23 -15.12 14.58
CA ASN A 159 -8.78 -13.87 15.09
C ASN A 159 -7.91 -13.27 16.20
N TYR A 160 -6.69 -13.78 16.31
CA TYR A 160 -5.76 -13.29 17.32
C TYR A 160 -4.69 -12.36 16.76
N LYS A 161 -4.20 -11.46 17.60
CA LYS A 161 -3.14 -10.53 17.23
C LYS A 161 -2.12 -10.50 18.36
N TYR A 162 -0.86 -10.70 18.03
CA TYR A 162 0.16 -10.65 19.07
C TYR A 162 1.27 -9.71 18.64
N VAL A 163 1.48 -8.67 19.43
CA VAL A 163 2.53 -7.69 19.18
C VAL A 163 3.79 -8.23 19.82
N VAL A 164 4.84 -8.38 19.02
CA VAL A 164 6.09 -8.88 19.56
C VAL A 164 7.03 -7.71 19.80
N ASN A 165 7.51 -7.56 21.03
CA ASN A 165 8.40 -6.46 21.34
C ASN A 165 9.85 -6.81 21.10
N GLN A 166 10.66 -5.76 21.01
CA GLN A 166 12.10 -5.89 20.81
C GLN A 166 12.71 -6.36 22.12
N VAL A 167 13.84 -7.04 22.02
CA VAL A 167 14.53 -7.55 23.20
C VAL A 167 14.94 -6.48 24.21
N ASP A 168 15.44 -5.34 23.73
CA ASP A 168 15.87 -4.25 24.61
C ASP A 168 14.73 -3.82 25.54
N PHE A 169 13.54 -3.64 24.97
CA PHE A 169 12.37 -3.23 25.75
C PHE A 169 12.00 -4.28 26.80
N LEU A 170 11.95 -5.54 26.37
CA LEU A 170 11.60 -6.67 27.24
C LEU A 170 12.55 -6.76 28.43
N ILE A 171 13.85 -6.77 28.14
CA ILE A 171 14.88 -6.86 29.16
C ILE A 171 14.79 -5.71 30.16
N SER A 172 14.40 -4.53 29.68
CA SER A 172 14.27 -3.40 30.59
C SER A 172 13.19 -3.66 31.63
N LYS A 173 12.01 -4.10 31.17
CA LYS A 173 10.88 -4.41 32.06
C LYS A 173 11.22 -5.57 32.99
N VAL A 174 11.84 -6.60 32.44
CA VAL A 174 12.22 -7.78 33.19
C VAL A 174 13.27 -7.51 34.28
N THR A 175 14.19 -6.59 34.00
CA THR A 175 15.23 -6.25 34.95
C THR A 175 14.59 -5.48 36.11
N GLN A 176 13.60 -4.66 35.81
CA GLN A 176 12.91 -3.90 36.84
C GLN A 176 12.06 -4.84 37.69
N ALA A 177 11.39 -5.80 37.04
CA ALA A 177 10.57 -6.76 37.74
C ALA A 177 11.44 -7.61 38.67
N ILE A 178 12.64 -7.96 38.22
CA ILE A 178 13.55 -8.74 39.05
C ILE A 178 13.98 -7.91 40.28
N SER A 179 14.30 -6.63 40.07
CA SER A 179 14.69 -5.77 41.20
C SER A 179 13.54 -5.70 42.19
N THR A 180 12.33 -5.51 41.67
CA THR A 180 11.14 -5.43 42.49
C THR A 180 10.99 -6.73 43.28
N LEU A 181 11.23 -7.87 42.64
CA LEU A 181 11.16 -9.16 43.30
C LEU A 181 12.17 -9.29 44.45
N GLU A 182 13.41 -8.83 44.23
CA GLU A 182 14.46 -8.89 45.24
C GLU A 182 13.99 -8.18 46.52
N LYS A 183 13.34 -7.03 46.35
CA LYS A 183 12.84 -6.25 47.49
C LYS A 183 11.73 -7.02 48.21
N TYR A 184 10.81 -7.64 47.46
CA TYR A 184 9.76 -8.42 48.10
C TYR A 184 10.34 -9.62 48.79
N LYS A 185 11.30 -10.29 48.15
CA LYS A 185 11.90 -11.46 48.76
C LYS A 185 12.58 -11.07 50.07
N ASP A 186 13.34 -9.97 50.07
CA ASP A 186 14.02 -9.52 51.28
C ASP A 186 13.03 -9.31 52.43
N ASN A 187 11.96 -8.58 52.19
CA ASN A 187 10.97 -8.36 53.25
C ASN A 187 10.31 -9.65 53.68
N PHE A 188 10.19 -10.59 52.73
CA PHE A 188 9.60 -11.89 53.00
C PHE A 188 10.52 -12.66 53.94
N ASN A 189 11.82 -12.64 53.64
CA ASN A 189 12.82 -13.32 54.46
C ASN A 189 12.82 -12.77 55.88
N LYS A 190 12.64 -11.46 56.01
CA LYS A 190 12.59 -10.81 57.32
C LYS A 190 11.34 -11.23 58.08
N LEU A 191 10.21 -11.32 57.39
CA LEU A 191 8.97 -11.72 58.05
C LEU A 191 9.05 -13.17 58.53
N LEU A 192 9.53 -14.03 57.64
CA LEU A 192 9.66 -15.44 57.93
C LEU A 192 10.66 -15.68 59.06
N SER A 193 11.68 -14.85 59.10
CA SER A 193 12.70 -14.98 60.14
C SER A 193 12.09 -14.64 61.52
N GLU A 194 11.34 -13.55 61.60
CA GLU A 194 10.70 -13.16 62.86
C GLU A 194 9.63 -14.19 63.25
N LEU A 195 8.90 -14.67 62.25
CA LEU A 195 7.85 -15.66 62.47
C LEU A 195 8.47 -16.91 63.09
N GLU A 196 9.67 -17.25 62.62
CA GLU A 196 10.40 -18.42 63.12
C GLU A 196 10.65 -18.26 64.62
N VAL A 197 11.09 -17.08 65.04
CA VAL A 197 11.33 -16.88 66.47
C VAL A 197 10.02 -17.14 67.22
N LEU A 198 8.97 -16.46 66.80
CA LEU A 198 7.67 -16.60 67.43
C LEU A 198 7.17 -18.04 67.48
N GLU A 199 7.35 -18.77 66.38
CA GLU A 199 6.89 -20.15 66.29
C GLU A 199 7.64 -20.99 67.32
N LEU A 200 8.97 -20.83 67.39
CA LEU A 200 9.77 -21.59 68.35
C LEU A 200 9.40 -21.24 69.79
N GLU A 201 8.95 -20.01 70.01
CA GLU A 201 8.56 -19.61 71.36
C GLU A 201 7.05 -19.78 71.57
N ASN A 202 6.36 -20.32 70.57
CA ASN A 202 4.91 -20.56 70.65
C ASN A 202 4.17 -19.27 70.99
N ARG A 203 4.62 -18.15 70.41
CA ARG A 203 4.01 -16.85 70.66
C ARG A 203 3.41 -16.21 69.41
N VAL A 204 3.06 -17.03 68.44
CA VAL A 204 2.49 -16.54 67.18
C VAL A 204 1.04 -16.06 67.24
N THR A 205 0.72 -15.03 66.46
CA THR A 205 -0.65 -14.51 66.39
C THR A 205 -1.02 -14.58 64.93
N LEU A 206 -2.32 -14.64 64.64
CA LEU A 206 -2.81 -14.73 63.27
C LEU A 206 -2.22 -13.63 62.38
N ALA A 207 -1.99 -12.45 62.96
CA ALA A 207 -1.41 -11.33 62.22
C ALA A 207 -0.01 -11.62 61.66
N ASP A 208 0.80 -12.34 62.43
CA ASP A 208 2.15 -12.69 62.01
C ASP A 208 2.10 -13.64 60.80
N VAL A 209 1.14 -14.56 60.81
CA VAL A 209 0.99 -15.54 59.75
C VAL A 209 0.49 -14.91 58.46
N VAL A 210 -0.59 -14.15 58.57
CA VAL A 210 -1.19 -13.49 57.41
C VAL A 210 -0.22 -12.53 56.75
N ARG A 211 0.50 -11.78 57.57
CA ARG A 211 1.46 -10.80 57.06
C ARG A 211 2.52 -11.52 56.24
N THR A 212 2.97 -12.67 56.73
CA THR A 212 3.98 -13.45 56.03
C THR A 212 3.39 -14.05 54.74
N LEU A 213 2.15 -14.55 54.82
CA LEU A 213 1.49 -15.13 53.65
C LEU A 213 1.25 -14.09 52.57
N ALA A 214 0.74 -12.94 52.97
CA ALA A 214 0.45 -11.87 52.03
C ALA A 214 1.68 -11.51 51.20
N LYS A 215 2.81 -11.26 51.87
CA LYS A 215 4.05 -10.93 51.19
C LYS A 215 4.42 -12.06 50.22
N GLY A 216 4.30 -13.30 50.68
CA GLY A 216 4.61 -14.42 49.81
C GLY A 216 3.68 -14.45 48.59
N PHE A 217 2.38 -14.27 48.83
CA PHE A 217 1.42 -14.30 47.75
C PHE A 217 1.70 -13.19 46.73
N GLU A 218 1.96 -11.99 47.23
CA GLU A 218 2.23 -10.85 46.36
C GLU A 218 3.48 -11.07 45.53
N LEU A 219 4.49 -11.69 46.14
CA LEU A 219 5.74 -11.97 45.45
C LEU A 219 5.54 -12.93 44.27
N LEU A 220 4.82 -14.02 44.50
CA LEU A 220 4.57 -14.98 43.44
C LEU A 220 3.64 -14.40 42.37
N ARG A 221 2.87 -13.39 42.76
CA ARG A 221 1.98 -12.73 41.82
C ARG A 221 2.84 -12.01 40.78
N ILE A 222 3.93 -11.38 41.24
CA ILE A 222 4.84 -10.67 40.35
C ILE A 222 5.43 -11.65 39.35
N VAL A 223 5.82 -12.83 39.82
CA VAL A 223 6.38 -13.82 38.94
C VAL A 223 5.39 -14.14 37.82
N GLU A 224 4.13 -14.42 38.19
CA GLU A 224 3.11 -14.75 37.20
C GLU A 224 2.93 -13.64 36.17
N GLU A 225 2.99 -12.41 36.63
CA GLU A 225 2.82 -11.27 35.76
C GLU A 225 3.97 -11.04 34.80
N ILE A 226 5.19 -11.34 35.22
CA ILE A 226 6.33 -11.12 34.32
C ILE A 226 6.55 -12.29 33.38
N ARG A 227 5.93 -13.43 33.69
CA ARG A 227 6.08 -14.64 32.88
C ARG A 227 5.89 -14.46 31.38
N PRO A 228 4.81 -13.77 30.97
CA PRO A 228 4.66 -13.60 29.53
C PRO A 228 5.81 -12.82 28.89
N TYR A 229 6.49 -11.99 29.69
CA TYR A 229 7.63 -11.25 29.17
C TYR A 229 8.81 -12.19 28.98
N ILE A 230 9.06 -13.06 29.96
CA ILE A 230 10.17 -14.00 29.86
C ILE A 230 10.02 -14.88 28.63
N VAL A 231 8.81 -15.41 28.41
CA VAL A 231 8.58 -16.27 27.25
C VAL A 231 8.89 -15.51 25.96
N GLU A 232 8.34 -14.30 25.84
CA GLU A 232 8.54 -13.46 24.68
C GLU A 232 10.03 -13.19 24.41
N LEU A 233 10.87 -13.32 25.44
CA LEU A 233 12.32 -13.12 25.31
C LEU A 233 13.07 -14.27 24.63
N GLY A 234 12.43 -15.43 24.56
CA GLY A 234 13.07 -16.57 23.93
C GLY A 234 14.42 -16.91 24.53
N GLU A 235 15.40 -17.19 23.67
CA GLU A 235 16.75 -17.55 24.12
C GLU A 235 17.42 -16.44 24.94
N GLU A 236 16.99 -15.21 24.71
CA GLU A 236 17.54 -14.07 25.43
C GLU A 236 16.94 -13.90 26.82
N GLY A 237 16.09 -14.84 27.24
CA GLY A 237 15.47 -14.75 28.55
C GLY A 237 15.98 -15.82 29.50
N ARG A 238 17.04 -16.49 29.07
CA ARG A 238 17.67 -17.56 29.84
C ARG A 238 18.18 -17.11 31.22
N LEU A 239 18.91 -16.00 31.25
CA LEU A 239 19.44 -15.46 32.50
C LEU A 239 18.28 -15.01 33.39
N ALA A 240 17.28 -14.40 32.79
CA ALA A 240 16.12 -13.94 33.53
C ALA A 240 15.41 -15.11 34.23
N ARG A 241 15.28 -16.24 33.52
CA ARG A 241 14.64 -17.43 34.10
C ARG A 241 15.45 -17.93 35.29
N MET A 242 16.76 -18.02 35.11
CA MET A 242 17.67 -18.47 36.16
C MET A 242 17.51 -17.61 37.41
N GLN A 243 17.40 -16.30 37.22
CA GLN A 243 17.25 -15.39 38.36
C GLN A 243 15.92 -15.61 39.08
N LEU A 244 14.84 -15.73 38.32
CA LEU A 244 13.52 -15.95 38.90
C LEU A 244 13.51 -17.25 39.70
N ARG A 245 14.23 -18.24 39.19
CA ARG A 245 14.30 -19.54 39.84
C ARG A 245 15.06 -19.45 41.17
N GLU A 246 16.15 -18.70 41.20
CA GLU A 246 16.94 -18.56 42.42
C GLU A 246 16.22 -17.74 43.47
N LEU A 247 15.44 -16.76 43.02
CA LEU A 247 14.70 -15.91 43.95
C LEU A 247 13.43 -16.52 44.53
N THR A 248 12.76 -17.37 43.77
CA THR A 248 11.48 -17.92 44.25
C THR A 248 11.52 -19.41 44.48
N GLU A 249 12.73 -19.95 44.46
CA GLU A 249 12.98 -21.37 44.65
C GLU A 249 11.89 -22.10 45.46
N ASP A 250 12.10 -22.21 46.77
CA ASP A 250 11.16 -22.93 47.63
C ASP A 250 10.00 -22.12 48.18
N VAL A 251 9.77 -20.92 47.67
CA VAL A 251 8.70 -20.09 48.19
C VAL A 251 7.31 -20.72 48.17
N ASP A 252 6.98 -21.41 47.09
CA ASP A 252 5.67 -22.05 46.97
C ASP A 252 5.47 -23.16 48.00
N ASP A 253 6.46 -24.03 48.15
CA ASP A 253 6.41 -25.11 49.11
C ASP A 253 6.28 -24.54 50.53
N LEU A 254 7.04 -23.49 50.80
CA LEU A 254 7.05 -22.84 52.09
C LEU A 254 5.67 -22.27 52.44
N LEU A 255 5.05 -21.57 51.48
CA LEU A 255 3.73 -21.01 51.70
C LEU A 255 2.67 -22.09 51.97
N VAL A 256 2.75 -23.19 51.21
CA VAL A 256 1.80 -24.29 51.39
C VAL A 256 1.92 -24.82 52.82
N LEU A 257 3.15 -25.09 53.26
CA LEU A 257 3.37 -25.60 54.61
C LEU A 257 2.86 -24.62 55.66
N LEU A 258 2.95 -23.33 55.37
CA LEU A 258 2.47 -22.33 56.31
C LEU A 258 0.95 -22.45 56.43
N ILE A 259 0.31 -22.71 55.30
CA ILE A 259 -1.14 -22.87 55.24
C ILE A 259 -1.56 -24.12 56.04
N MET A 260 -0.83 -25.20 55.82
CA MET A 260 -1.09 -26.47 56.49
C MET A 260 -0.88 -26.34 58.00
N ASP A 261 0.00 -25.44 58.40
CA ASP A 261 0.32 -25.26 59.81
C ASP A 261 -0.56 -24.31 60.60
N TYR A 262 -1.09 -23.29 59.94
CA TYR A 262 -1.89 -22.28 60.63
C TYR A 262 -3.35 -22.17 60.23
N SER A 263 -3.84 -23.05 59.37
CA SER A 263 -5.25 -22.98 59.00
C SER A 263 -6.04 -23.34 60.26
N SER A 264 -7.21 -22.74 60.42
CA SER A 264 -8.07 -22.97 61.58
C SER A 264 -8.27 -24.45 61.87
N GLU A 265 -8.51 -25.24 60.84
CA GLU A 265 -8.67 -26.67 61.04
C GLU A 265 -7.79 -27.41 60.03
N GLU A 266 -7.36 -28.60 60.39
CA GLU A 266 -6.49 -29.41 59.53
C GLU A 266 -6.84 -29.28 58.06
N VAL A 267 -5.82 -29.28 57.21
CA VAL A 267 -5.99 -29.18 55.77
C VAL A 267 -4.94 -30.04 55.10
N GLU A 268 -5.33 -30.73 54.05
CA GLU A 268 -4.41 -31.58 53.32
C GLU A 268 -3.57 -30.69 52.42
N GLU A 269 -2.37 -31.17 52.07
CA GLU A 269 -1.48 -30.41 51.20
C GLU A 269 -2.17 -29.92 49.94
N GLU A 270 -2.81 -30.83 49.21
CA GLU A 270 -3.49 -30.47 47.97
C GLU A 270 -4.43 -29.29 48.14
N THR A 271 -5.06 -29.19 49.30
CA THR A 271 -5.98 -28.09 49.54
C THR A 271 -5.17 -26.81 49.77
N ALA A 272 -4.07 -26.93 50.51
CA ALA A 272 -3.20 -25.78 50.79
C ALA A 272 -2.76 -25.21 49.45
N GLN A 273 -2.42 -26.09 48.52
CA GLN A 273 -2.00 -25.69 47.18
C GLN A 273 -3.09 -24.91 46.45
N ASN A 274 -4.35 -25.29 46.64
CA ASN A 274 -5.46 -24.60 46.00
C ASN A 274 -5.58 -23.21 46.60
N ILE A 275 -5.29 -23.10 47.89
CA ILE A 275 -5.34 -21.82 48.57
C ILE A 275 -4.26 -20.94 47.93
N LEU A 276 -3.08 -21.50 47.74
CA LEU A 276 -1.97 -20.78 47.15
C LEU A 276 -2.34 -20.29 45.74
N GLN A 277 -2.66 -21.22 44.85
CA GLN A 277 -3.04 -20.86 43.48
C GLN A 277 -4.15 -19.82 43.45
N ASP A 278 -5.12 -19.97 44.35
CA ASP A 278 -6.23 -19.02 44.39
C ASP A 278 -5.73 -17.61 44.71
N PHE A 279 -4.96 -17.46 45.78
CA PHE A 279 -4.43 -16.16 46.16
C PHE A 279 -3.36 -15.59 45.21
N ILE A 280 -2.87 -16.42 44.30
CA ILE A 280 -1.88 -15.95 43.34
C ILE A 280 -2.53 -15.34 42.10
N THR A 281 -3.73 -15.77 41.78
CA THR A 281 -4.43 -15.26 40.60
C THR A 281 -5.82 -14.66 40.87
N ARG A 282 -6.74 -15.47 41.39
CA ARG A 282 -8.10 -15.03 41.66
C ARG A 282 -8.26 -13.98 42.76
N ARG A 283 -8.29 -14.43 44.02
CA ARG A 283 -8.48 -13.54 45.15
C ARG A 283 -7.32 -12.60 45.44
N GLU A 284 -7.63 -11.47 46.07
CA GLU A 284 -6.63 -10.49 46.43
C GLU A 284 -6.10 -10.80 47.82
N PRO A 285 -4.77 -10.84 47.97
CA PRO A 285 -4.17 -11.13 49.27
C PRO A 285 -4.32 -10.07 50.35
N SER A 286 -5.56 -9.71 50.68
CA SER A 286 -5.79 -8.75 51.75
C SER A 286 -5.80 -9.52 53.06
N PRO A 287 -5.31 -8.91 54.15
CA PRO A 287 -5.26 -9.57 55.45
C PRO A 287 -6.54 -10.33 55.82
N ILE A 288 -7.64 -9.60 55.93
CA ILE A 288 -8.93 -10.21 56.27
C ILE A 288 -9.27 -11.37 55.35
N SER A 289 -9.06 -11.16 54.05
CA SER A 289 -9.36 -12.20 53.07
C SER A 289 -8.55 -13.47 53.26
N ILE A 290 -7.29 -13.35 53.69
CA ILE A 290 -6.45 -14.53 53.91
C ILE A 290 -6.86 -15.24 55.20
N SER A 291 -7.09 -14.47 56.26
CA SER A 291 -7.48 -15.05 57.53
C SER A 291 -8.82 -15.76 57.41
N ARG A 292 -9.69 -15.25 56.53
CA ARG A 292 -10.99 -15.86 56.30
C ARG A 292 -10.86 -17.22 55.63
N VAL A 293 -10.13 -17.27 54.52
CA VAL A 293 -9.92 -18.52 53.80
C VAL A 293 -9.21 -19.55 54.67
N LEU A 294 -8.44 -19.08 55.64
CA LEU A 294 -7.73 -19.98 56.55
C LEU A 294 -8.70 -20.58 57.57
N GLY A 295 -9.95 -20.12 57.53
CA GLY A 295 -10.95 -20.63 58.45
C GLY A 295 -11.22 -19.80 59.70
N TYR A 296 -10.69 -18.59 59.73
CA TYR A 296 -10.90 -17.72 60.88
C TYR A 296 -11.94 -16.67 60.52
N ASP A 297 -12.94 -16.53 61.39
CA ASP A 297 -14.02 -15.58 61.16
C ASP A 297 -13.70 -14.22 61.79
N VAL A 298 -13.05 -13.36 61.00
CA VAL A 298 -12.66 -12.05 61.48
C VAL A 298 -13.35 -10.96 60.66
N GLN A 299 -13.39 -9.75 61.22
CA GLN A 299 -14.03 -8.62 60.55
C GLN A 299 -13.03 -7.51 60.26
N GLN A 300 -12.41 -7.00 61.32
CA GLN A 300 -11.42 -5.92 61.21
C GLN A 300 -10.00 -6.42 61.45
N ALA A 301 -9.08 -5.95 60.61
CA ALA A 301 -7.67 -6.33 60.71
C ALA A 301 -7.09 -6.15 62.10
N ALA A 302 -7.75 -5.34 62.93
CA ALA A 302 -7.29 -5.09 64.28
C ALA A 302 -7.40 -6.34 65.15
N GLN A 303 -8.32 -7.23 64.78
CA GLN A 303 -8.55 -8.45 65.53
C GLN A 303 -7.44 -9.50 65.38
N LEU A 304 -6.73 -9.43 64.25
CA LEU A 304 -5.66 -10.40 63.98
C LEU A 304 -4.58 -10.45 65.05
N ASP A 305 -4.24 -9.31 65.61
CA ASP A 305 -3.22 -9.24 66.65
C ASP A 305 -3.68 -9.89 67.95
N ASP A 306 -4.97 -10.22 68.01
CA ASP A 306 -5.51 -10.83 69.22
C ASP A 306 -5.73 -12.34 69.13
N VAL A 307 -5.65 -12.89 67.94
CA VAL A 307 -5.85 -14.33 67.78
C VAL A 307 -4.54 -15.11 67.87
N LEU A 308 -4.39 -15.89 68.95
CA LEU A 308 -3.21 -16.71 69.18
C LEU A 308 -3.35 -17.99 68.35
N VAL A 309 -2.26 -18.43 67.75
CA VAL A 309 -2.28 -19.63 66.92
C VAL A 309 -1.00 -20.45 67.14
N SER A 310 -1.08 -21.74 66.86
CA SER A 310 0.06 -22.64 67.05
C SER A 310 0.31 -23.48 65.82
N ALA A 311 1.54 -23.47 65.35
CA ALA A 311 1.90 -24.25 64.16
C ALA A 311 1.72 -25.73 64.45
N ARG A 312 1.23 -26.47 63.46
CA ARG A 312 1.04 -27.91 63.60
C ARG A 312 2.39 -28.61 63.50
N GLY A 313 3.34 -27.99 62.80
CA GLY A 313 4.66 -28.57 62.69
C GLY A 313 5.05 -29.17 61.36
N TYR A 314 4.22 -28.98 60.34
CA TYR A 314 4.54 -29.54 59.04
C TYR A 314 5.77 -28.85 58.46
N ARG A 315 5.78 -27.52 58.48
CA ARG A 315 6.89 -26.75 57.93
C ARG A 315 8.23 -27.25 58.46
N LEU A 316 8.33 -27.29 59.78
CA LEU A 316 9.56 -27.74 60.41
C LEU A 316 9.84 -29.22 60.14
N LEU A 317 8.81 -30.06 60.22
CA LEU A 317 8.99 -31.49 59.99
C LEU A 317 9.54 -31.79 58.60
N LYS A 318 8.91 -31.23 57.58
CA LYS A 318 9.35 -31.47 56.21
C LYS A 318 10.64 -30.75 55.84
N THR A 319 10.66 -29.44 56.05
CA THR A 319 11.82 -28.63 55.69
C THR A 319 13.08 -28.83 56.52
N VAL A 320 12.95 -28.97 57.83
CA VAL A 320 14.11 -29.14 58.68
C VAL A 320 14.45 -30.57 59.07
N ALA A 321 13.45 -31.34 59.52
CA ALA A 321 13.70 -32.73 59.92
C ALA A 321 13.73 -33.65 58.71
N ARG A 322 13.29 -33.13 57.57
CA ARG A 322 13.30 -33.89 56.33
C ARG A 322 12.40 -35.12 56.38
N ILE A 323 11.25 -34.98 57.03
CA ILE A 323 10.30 -36.06 57.12
C ILE A 323 9.24 -35.88 56.04
N PRO A 324 9.07 -36.90 55.19
CA PRO A 324 8.07 -36.80 54.13
C PRO A 324 6.70 -36.42 54.68
N LEU A 325 6.00 -35.57 53.95
CA LEU A 325 4.68 -35.10 54.35
C LEU A 325 3.79 -36.29 54.71
N SER A 326 3.77 -37.29 53.83
CA SER A 326 2.96 -38.49 54.06
C SER A 326 3.12 -39.00 55.49
N ILE A 327 4.35 -38.95 56.00
CA ILE A 327 4.62 -39.40 57.35
C ILE A 327 4.39 -38.30 58.40
N GLY A 328 4.61 -37.05 58.03
CA GLY A 328 4.40 -35.96 58.96
C GLY A 328 2.96 -35.95 59.42
N TYR A 329 2.07 -36.34 58.50
CA TYR A 329 0.64 -36.44 58.78
C TYR A 329 0.41 -37.27 60.04
N ASN A 330 1.17 -38.36 60.17
CA ASN A 330 1.05 -39.25 61.32
C ASN A 330 1.58 -38.56 62.56
N VAL A 331 2.69 -37.84 62.42
CA VAL A 331 3.26 -37.16 63.57
C VAL A 331 2.33 -36.08 64.10
N VAL A 332 1.73 -35.34 63.17
CA VAL A 332 0.83 -34.28 63.56
C VAL A 332 -0.47 -34.85 64.14
N ARG A 333 -0.99 -35.92 63.52
CA ARG A 333 -2.22 -36.51 64.03
C ARG A 333 -2.05 -37.00 65.46
N MET A 334 -0.82 -37.34 65.85
CA MET A 334 -0.59 -37.83 67.21
C MET A 334 -0.27 -36.73 68.22
N PHE A 335 0.67 -35.84 67.89
CA PHE A 335 1.05 -34.76 68.81
C PHE A 335 0.31 -33.44 68.60
N LYS A 336 -0.33 -33.28 67.44
CA LYS A 336 -1.09 -32.07 67.12
C LYS A 336 -0.31 -30.80 66.76
N THR A 337 0.55 -30.32 67.67
CA THR A 337 1.30 -29.10 67.41
C THR A 337 2.82 -29.21 67.56
N LEU A 338 3.53 -28.24 66.99
CA LEU A 338 4.98 -28.17 67.06
C LEU A 338 5.38 -28.10 68.52
N ASP A 339 4.56 -27.44 69.30
CA ASP A 339 4.80 -27.28 70.73
C ASP A 339 4.93 -28.66 71.36
N GLN A 340 4.00 -29.55 71.05
CA GLN A 340 4.03 -30.89 71.60
C GLN A 340 5.16 -31.74 71.04
N ILE A 341 5.41 -31.62 69.74
CA ILE A 341 6.48 -32.37 69.13
C ILE A 341 7.84 -31.99 69.75
N SER A 342 8.01 -30.70 70.05
CA SER A 342 9.26 -30.21 70.63
C SER A 342 9.49 -30.72 72.06
N LYS A 343 8.42 -31.24 72.66
CA LYS A 343 8.51 -31.77 74.02
C LYS A 343 8.71 -33.28 73.98
N ALA A 344 8.28 -33.88 72.88
CA ALA A 344 8.39 -35.32 72.70
C ALA A 344 9.82 -35.82 72.82
N SER A 345 9.95 -37.09 73.19
CA SER A 345 11.24 -37.73 73.35
C SER A 345 11.47 -38.63 72.15
N VAL A 346 12.70 -39.10 71.99
CA VAL A 346 13.01 -39.98 70.88
C VAL A 346 12.05 -41.18 70.89
N GLU A 347 11.85 -41.76 72.08
CA GLU A 347 10.96 -42.90 72.25
C GLU A 347 9.51 -42.54 71.95
N ASP A 348 9.06 -41.40 72.48
CA ASP A 348 7.70 -40.94 72.26
C ASP A 348 7.41 -40.81 70.76
N LEU A 349 8.36 -40.29 70.01
CA LEU A 349 8.21 -40.08 68.58
C LEU A 349 8.18 -41.37 67.75
N LYS A 350 8.89 -42.40 68.21
CA LYS A 350 8.95 -43.66 67.50
C LYS A 350 7.60 -44.40 67.51
N LYS A 351 6.76 -44.06 68.47
CA LYS A 351 5.44 -44.68 68.57
C LYS A 351 4.61 -44.28 67.35
N VAL A 352 5.14 -43.35 66.56
CA VAL A 352 4.46 -42.89 65.35
C VAL A 352 4.77 -43.84 64.21
N GLU A 353 3.75 -44.12 63.40
CA GLU A 353 3.89 -45.02 62.26
C GLU A 353 4.71 -44.40 61.13
N GLY A 354 5.92 -44.90 60.95
CA GLY A 354 6.78 -44.38 59.90
C GLY A 354 7.96 -43.63 60.48
N ILE A 355 8.00 -43.54 61.81
CA ILE A 355 9.09 -42.84 62.49
C ILE A 355 10.01 -43.83 63.19
N GLY A 356 11.22 -43.97 62.62
CA GLY A 356 12.19 -44.88 63.19
C GLY A 356 13.16 -44.15 64.11
N GLU A 357 14.31 -44.75 64.35
CA GLU A 357 15.32 -44.16 65.21
C GLU A 357 15.90 -42.91 64.57
N LYS A 358 16.22 -43.00 63.28
CA LYS A 358 16.77 -41.88 62.53
C LYS A 358 15.82 -40.68 62.46
N ARG A 359 14.60 -40.93 62.01
CA ARG A 359 13.60 -39.87 61.90
C ARG A 359 13.39 -39.24 63.28
N ALA A 360 13.19 -40.08 64.28
CA ALA A 360 12.95 -39.64 65.64
C ALA A 360 14.06 -38.73 66.15
N ARG A 361 15.31 -39.14 65.90
CA ARG A 361 16.47 -38.37 66.33
C ARG A 361 16.49 -37.07 65.53
N ALA A 362 16.29 -37.19 64.22
CA ALA A 362 16.27 -36.04 63.31
C ALA A 362 15.28 -34.97 63.74
N ILE A 363 14.08 -35.39 64.12
CA ILE A 363 13.02 -34.49 64.55
C ILE A 363 13.42 -33.78 65.83
N SER A 364 13.76 -34.58 66.83
CA SER A 364 14.16 -34.10 68.14
C SER A 364 15.38 -33.18 68.13
N GLU A 365 16.45 -33.62 67.47
CA GLU A 365 17.68 -32.84 67.42
C GLU A 365 17.59 -31.55 66.60
N SER A 366 16.91 -31.61 65.46
CA SER A 366 16.82 -30.41 64.64
C SER A 366 15.97 -29.34 65.33
N ILE A 367 14.91 -29.75 66.01
CA ILE A 367 14.07 -28.77 66.71
C ILE A 367 14.82 -28.20 67.93
N SER A 368 15.56 -29.05 68.64
CA SER A 368 16.28 -28.60 69.82
C SER A 368 17.42 -27.67 69.41
N SER A 369 18.06 -27.98 68.29
CA SER A 369 19.14 -27.16 67.77
C SER A 369 18.62 -25.76 67.41
N LEU A 370 17.49 -25.72 66.71
CA LEU A 370 16.88 -24.47 66.33
C LEU A 370 16.55 -23.60 67.54
N LYS A 371 15.91 -24.20 68.55
CA LYS A 371 15.55 -23.44 69.75
C LYS A 371 16.76 -22.85 70.44
N HIS A 372 17.85 -23.60 70.50
CA HIS A 372 19.06 -23.12 71.14
C HIS A 372 19.74 -21.98 70.39
N ARG A 373 19.56 -21.95 69.07
CA ARG A 373 20.19 -20.91 68.25
C ARG A 373 19.33 -19.68 67.95
N LYS A 374 18.05 -19.89 67.65
CA LYS A 374 17.16 -18.78 67.30
C LYS A 374 16.40 -18.13 68.45
N THR A 375 16.23 -18.84 69.55
CA THR A 375 15.50 -18.29 70.69
C THR A 375 16.30 -18.39 71.97
N VAL B 27 -8.88 7.83 -29.67
CA VAL B 27 -9.04 8.28 -28.26
C VAL B 27 -10.45 8.84 -28.05
N PRO B 28 -11.35 8.04 -27.48
CA PRO B 28 -12.74 8.44 -27.23
C PRO B 28 -12.86 9.87 -26.68
N GLN B 29 -13.90 10.56 -27.15
CA GLN B 29 -14.17 11.94 -26.73
C GLN B 29 -14.48 12.03 -25.23
N GLU B 30 -15.22 11.05 -24.73
CA GLU B 30 -15.60 11.00 -23.31
C GLU B 30 -14.35 11.06 -22.42
N LEU B 31 -13.27 10.44 -22.89
CA LEU B 31 -12.02 10.41 -22.15
C LEU B 31 -11.28 11.73 -22.30
N ILE B 32 -11.36 12.29 -23.50
CA ILE B 32 -10.70 13.55 -23.79
C ILE B 32 -11.18 14.65 -22.86
N GLU B 33 -12.44 14.55 -22.44
CA GLU B 33 -13.01 15.55 -21.52
C GLU B 33 -12.43 15.37 -20.13
N LYS B 34 -12.28 14.12 -19.71
CA LYS B 34 -11.73 13.82 -18.39
C LYS B 34 -10.27 14.28 -18.32
N ILE B 35 -9.54 14.09 -19.41
CA ILE B 35 -8.14 14.52 -19.48
C ILE B 35 -8.03 16.03 -19.25
N LYS B 36 -9.04 16.79 -19.67
CA LYS B 36 -9.03 18.24 -19.49
C LYS B 36 -9.02 18.58 -18.00
N LEU B 37 -9.61 17.71 -17.19
CA LEU B 37 -9.66 17.93 -15.76
C LEU B 37 -8.27 18.12 -15.17
N ILE B 38 -7.28 17.41 -15.73
CA ILE B 38 -5.92 17.49 -15.22
C ILE B 38 -4.90 18.10 -16.18
N SER B 39 -5.37 18.97 -17.08
CA SER B 39 -4.49 19.60 -18.05
C SER B 39 -3.81 20.85 -17.49
N PRO B 40 -2.61 21.16 -18.00
CA PRO B 40 -1.92 22.35 -17.51
C PRO B 40 -2.86 23.55 -17.52
N GLY B 41 -2.97 24.23 -16.39
CA GLY B 41 -3.85 25.39 -16.32
C GLY B 41 -4.91 25.23 -15.24
N THR B 42 -5.37 24.00 -15.02
CA THR B 42 -6.39 23.77 -13.99
C THR B 42 -5.83 23.77 -12.58
N GLU B 43 -6.70 24.07 -11.64
CA GLU B 43 -6.36 24.10 -10.22
C GLU B 43 -5.94 22.69 -9.77
N LEU B 44 -6.62 21.68 -10.29
CA LEU B 44 -6.26 20.31 -9.91
C LEU B 44 -4.87 19.91 -10.39
N ARG B 45 -4.51 20.33 -11.62
CA ARG B 45 -3.21 19.99 -12.19
C ARG B 45 -2.10 20.72 -11.43
N LYS B 46 -2.40 21.91 -10.94
CA LYS B 46 -1.44 22.67 -10.18
C LYS B 46 -1.10 21.87 -8.91
N ALA B 47 -2.13 21.28 -8.29
CA ALA B 47 -1.94 20.49 -7.08
C ALA B 47 -1.19 19.19 -7.38
N LEU B 48 -1.54 18.55 -8.48
CA LEU B 48 -0.86 17.31 -8.84
C LEU B 48 0.60 17.57 -9.11
N ASP B 49 0.91 18.70 -9.74
CA ASP B 49 2.31 19.07 -10.02
C ASP B 49 3.10 19.19 -8.72
N ASP B 50 2.54 19.90 -7.75
CA ASP B 50 3.22 20.06 -6.47
C ASP B 50 3.38 18.72 -5.76
N ILE B 51 2.37 17.85 -5.90
CA ILE B 51 2.43 16.53 -5.28
C ILE B 51 3.63 15.76 -5.84
N ILE B 52 3.76 15.77 -7.16
CA ILE B 52 4.85 15.07 -7.82
C ILE B 52 6.20 15.61 -7.33
N ASN B 53 6.32 16.93 -7.31
CA ASN B 53 7.54 17.59 -6.88
C ASN B 53 7.89 17.24 -5.42
N ALA B 54 6.87 17.09 -4.58
CA ALA B 54 7.09 16.77 -3.17
C ALA B 54 7.33 15.29 -2.99
N ASN B 55 7.14 14.54 -4.06
CA ASN B 55 7.34 13.11 -4.01
C ASN B 55 6.34 12.41 -3.08
N PHE B 56 5.18 13.05 -2.88
CA PHE B 56 4.15 12.40 -2.07
C PHE B 56 3.43 11.62 -3.16
N GLY B 57 2.72 10.56 -2.81
CA GLY B 57 2.02 9.83 -3.85
C GLY B 57 0.62 10.39 -3.88
N ALA B 58 -0.27 9.79 -4.67
CA ALA B 58 -1.65 10.27 -4.70
C ALA B 58 -2.59 9.27 -5.34
N LEU B 59 -3.79 9.18 -4.79
CA LEU B 59 -4.82 8.30 -5.30
C LEU B 59 -6.10 9.11 -5.10
N ILE B 60 -6.63 9.64 -6.21
CA ILE B 60 -7.83 10.48 -6.18
C ILE B 60 -9.00 9.81 -6.91
N PHE B 61 -10.13 9.74 -6.24
CA PHE B 61 -11.35 9.12 -6.74
C PHE B 61 -12.39 10.23 -6.95
N LEU B 62 -12.87 10.36 -8.18
CA LEU B 62 -13.84 11.39 -8.53
C LEU B 62 -15.26 10.87 -8.65
N VAL B 63 -16.13 11.27 -7.72
CA VAL B 63 -17.52 10.80 -7.77
C VAL B 63 -18.48 11.98 -7.61
N ASP B 64 -19.76 11.74 -7.86
CA ASP B 64 -20.76 12.80 -7.72
C ASP B 64 -21.57 12.61 -6.45
N ASP B 65 -21.95 11.38 -6.15
CA ASP B 65 -22.72 11.09 -4.94
C ASP B 65 -21.94 10.08 -4.08
N PRO B 66 -21.19 10.58 -3.10
CA PRO B 66 -20.36 9.83 -2.15
C PRO B 66 -21.05 8.72 -1.37
N LYS B 67 -22.33 8.94 -1.05
CA LYS B 67 -23.11 7.97 -0.30
C LYS B 67 -23.28 6.62 -0.99
N LYS B 68 -23.16 6.61 -2.31
CA LYS B 68 -23.32 5.39 -3.09
C LYS B 68 -22.08 4.52 -3.14
N TYR B 69 -20.94 5.05 -2.69
CA TYR B 69 -19.70 4.29 -2.74
C TYR B 69 -19.15 3.88 -1.39
N GLU B 70 -19.91 4.12 -0.33
CA GLU B 70 -19.45 3.76 1.02
C GLU B 70 -18.90 2.34 1.09
N ASP B 71 -19.35 1.47 0.18
CA ASP B 71 -18.89 0.09 0.17
C ASP B 71 -17.43 -0.04 -0.29
N VAL B 72 -17.00 0.84 -1.18
CA VAL B 72 -15.62 0.82 -1.68
C VAL B 72 -14.72 1.83 -0.96
N ILE B 73 -15.32 2.58 -0.05
CA ILE B 73 -14.59 3.58 0.72
C ILE B 73 -14.59 3.19 2.20
N GLN B 74 -13.40 2.95 2.77
CA GLN B 74 -13.29 2.58 4.17
C GLN B 74 -12.40 3.55 4.96
N GLY B 75 -12.75 3.79 6.21
CA GLY B 75 -11.98 4.66 7.08
C GLY B 75 -11.86 6.10 6.61
N GLY B 76 -10.71 6.71 6.91
CA GLY B 76 -10.47 8.08 6.52
C GLY B 76 -11.31 9.10 7.26
N PHE B 77 -11.32 10.32 6.73
CA PHE B 77 -12.06 11.43 7.32
C PHE B 77 -13.09 11.98 6.33
N TRP B 78 -14.27 12.31 6.85
CA TRP B 78 -15.33 12.90 6.03
C TRP B 78 -15.10 14.41 6.14
N LEU B 79 -14.85 15.05 5.00
CA LEU B 79 -14.57 16.48 4.95
C LEU B 79 -15.72 17.32 4.41
N ASP B 80 -16.21 16.95 3.23
CA ASP B 80 -17.29 17.67 2.56
C ASP B 80 -17.02 19.17 2.62
N THR B 81 -15.88 19.59 2.06
CA THR B 81 -15.50 21.00 2.06
C THR B 81 -15.17 21.43 0.63
N ASP B 82 -15.09 22.74 0.39
CA ASP B 82 -14.80 23.26 -0.94
C ASP B 82 -13.38 22.96 -1.39
N PHE B 83 -13.25 22.58 -2.66
CA PHE B 83 -11.95 22.24 -3.22
C PHE B 83 -10.97 23.42 -3.31
N SER B 84 -9.68 23.08 -3.30
CA SER B 84 -8.60 24.04 -3.41
C SER B 84 -7.31 23.25 -3.61
N ALA B 85 -6.44 23.75 -4.47
CA ALA B 85 -5.17 23.10 -4.76
C ALA B 85 -4.34 22.90 -3.49
N GLU B 86 -4.30 23.92 -2.64
CA GLU B 86 -3.54 23.82 -1.41
C GLU B 86 -4.12 22.75 -0.49
N LYS B 87 -5.45 22.69 -0.41
CA LYS B 87 -6.09 21.69 0.43
C LYS B 87 -5.78 20.28 -0.03
N LEU B 88 -5.85 20.04 -1.34
CA LEU B 88 -5.57 18.72 -1.88
C LEU B 88 -4.14 18.34 -1.57
N TYR B 89 -3.23 19.27 -1.81
CA TYR B 89 -1.82 19.04 -1.55
C TYR B 89 -1.56 18.69 -0.09
N GLU B 90 -2.15 19.44 0.84
CA GLU B 90 -1.94 19.17 2.26
C GLU B 90 -2.48 17.79 2.62
N LEU B 91 -3.69 17.49 2.17
CA LEU B 91 -4.33 16.21 2.42
C LEU B 91 -3.53 15.04 1.84
N SER B 92 -2.77 15.29 0.78
CA SER B 92 -2.02 14.23 0.15
C SER B 92 -0.84 13.81 1.00
N LYS B 93 -0.56 14.57 2.05
CA LYS B 93 0.55 14.22 2.94
C LYS B 93 0.21 12.99 3.74
N MET B 94 -1.08 12.74 3.93
CA MET B 94 -1.52 11.58 4.67
C MET B 94 -1.58 10.36 3.78
N ASP B 95 -1.61 9.18 4.39
CA ASP B 95 -1.69 7.94 3.64
C ASP B 95 -3.09 7.81 3.07
N GLY B 96 -3.25 6.94 2.09
CA GLY B 96 -4.58 6.72 1.55
C GLY B 96 -5.00 7.57 0.37
N ALA B 97 -6.28 7.45 0.03
CA ALA B 97 -6.84 8.16 -1.11
C ALA B 97 -7.70 9.34 -0.72
N ILE B 98 -7.92 10.22 -1.69
CA ILE B 98 -8.77 11.39 -1.52
C ILE B 98 -9.97 11.20 -2.45
N VAL B 99 -11.14 11.61 -1.99
CA VAL B 99 -12.34 11.49 -2.80
C VAL B 99 -12.82 12.89 -3.13
N LEU B 100 -12.96 13.18 -4.42
CA LEU B 100 -13.42 14.50 -4.87
C LEU B 100 -14.70 14.40 -5.69
N SER B 101 -15.38 15.54 -5.85
CA SER B 101 -16.59 15.58 -6.66
C SER B 101 -16.13 15.62 -8.12
N GLU B 102 -16.95 15.09 -9.02
CA GLU B 102 -16.64 15.03 -10.44
C GLU B 102 -16.31 16.38 -11.08
N ASP B 103 -16.92 17.45 -10.59
CA ASP B 103 -16.64 18.76 -11.15
C ASP B 103 -15.49 19.43 -10.42
N ILE B 104 -14.81 18.66 -9.57
CA ILE B 104 -13.67 19.15 -8.80
C ILE B 104 -14.02 20.39 -7.96
N THR B 105 -15.22 20.44 -7.40
CA THR B 105 -15.59 21.59 -6.58
C THR B 105 -15.58 21.23 -5.10
N LYS B 106 -15.67 19.95 -4.79
CA LYS B 106 -15.67 19.52 -3.39
C LYS B 106 -14.70 18.38 -3.10
N ILE B 107 -14.19 18.40 -1.87
CA ILE B 107 -13.32 17.34 -1.38
C ILE B 107 -14.20 16.65 -0.36
N TYR B 108 -14.62 15.43 -0.65
CA TYR B 108 -15.49 14.69 0.25
C TYR B 108 -14.74 13.91 1.34
N TYR B 109 -13.71 13.16 0.94
CA TYR B 109 -12.93 12.39 1.91
C TYR B 109 -11.43 12.55 1.72
N ALA B 110 -10.68 12.12 2.75
CA ALA B 110 -9.23 12.16 2.73
C ALA B 110 -8.77 10.98 3.60
N ASN B 111 -7.54 10.50 3.34
CA ASN B 111 -6.98 9.38 4.08
C ASN B 111 -7.88 8.12 4.10
N VAL B 112 -8.56 7.81 3.00
CA VAL B 112 -9.42 6.61 3.01
C VAL B 112 -8.78 5.42 2.33
N HIS B 113 -9.35 4.24 2.55
CA HIS B 113 -8.86 3.02 1.89
C HIS B 113 -9.88 2.68 0.81
N LEU B 114 -9.41 2.59 -0.43
CA LEU B 114 -10.30 2.24 -1.54
C LEU B 114 -10.21 0.73 -1.71
N VAL B 115 -11.36 0.05 -1.65
CA VAL B 115 -11.33 -1.40 -1.78
C VAL B 115 -12.19 -2.01 -2.89
N PRO B 116 -11.78 -1.84 -4.15
CA PRO B 116 -12.56 -2.42 -5.26
C PRO B 116 -12.37 -3.94 -5.25
N ASP B 117 -13.22 -4.65 -5.98
CA ASP B 117 -13.14 -6.10 -6.06
C ASP B 117 -11.77 -6.54 -6.59
N PRO B 118 -11.02 -7.33 -5.79
CA PRO B 118 -9.69 -7.86 -6.09
C PRO B 118 -9.65 -8.92 -7.19
N THR B 119 -10.81 -9.29 -7.71
CA THR B 119 -10.86 -10.29 -8.76
C THR B 119 -10.92 -9.63 -10.13
N ILE B 120 -11.14 -8.32 -10.16
CA ILE B 120 -11.19 -7.62 -11.42
C ILE B 120 -9.79 -7.61 -12.04
N PRO B 121 -9.67 -8.02 -13.32
CA PRO B 121 -8.37 -8.07 -14.01
C PRO B 121 -7.70 -6.72 -14.09
N THR B 122 -6.38 -6.73 -14.00
CA THR B 122 -5.60 -5.50 -14.07
C THR B 122 -4.25 -5.79 -14.70
N GLY B 123 -3.72 -4.81 -15.42
CA GLY B 123 -2.43 -4.96 -16.05
C GLY B 123 -1.38 -4.12 -15.36
N GLU B 124 -1.73 -3.60 -14.17
CA GLU B 124 -0.80 -2.77 -13.41
C GLU B 124 0.04 -3.56 -12.42
N THR B 125 1.15 -2.95 -11.99
CA THR B 125 2.05 -3.58 -11.04
C THR B 125 1.95 -2.98 -9.65
N GLY B 126 1.94 -1.66 -9.56
CA GLY B 126 1.85 -1.04 -8.25
C GLY B 126 0.54 -1.34 -7.53
N THR B 127 0.58 -1.25 -6.20
CA THR B 127 -0.60 -1.48 -5.40
C THR B 127 -1.65 -0.41 -5.67
N ARG B 128 -1.22 0.85 -5.73
CA ARG B 128 -2.17 1.95 -5.95
C ARG B 128 -2.71 2.02 -7.37
N HIS B 129 -1.93 1.52 -8.33
CA HIS B 129 -2.32 1.51 -9.72
C HIS B 129 -3.23 0.31 -9.99
N ARG B 130 -3.00 -0.79 -9.27
CA ARG B 130 -3.86 -1.97 -9.44
C ARG B 130 -5.21 -1.57 -8.86
N THR B 131 -5.17 -0.87 -7.74
CA THR B 131 -6.36 -0.40 -7.07
C THR B 131 -7.08 0.57 -7.97
N ALA B 132 -6.33 1.52 -8.54
CA ALA B 132 -6.88 2.54 -9.42
C ALA B 132 -7.63 1.98 -10.63
N GLU B 133 -6.98 1.06 -11.34
CA GLU B 133 -7.59 0.46 -12.51
C GLU B 133 -8.85 -0.29 -12.14
N ARG B 134 -8.75 -1.17 -11.14
CA ARG B 134 -9.91 -1.93 -10.70
C ARG B 134 -11.08 -1.03 -10.29
N LEU B 135 -10.81 0.01 -9.52
CA LEU B 135 -11.87 0.93 -9.08
C LEU B 135 -12.49 1.63 -10.29
N ALA B 136 -11.65 2.08 -11.21
CA ALA B 136 -12.15 2.75 -12.40
C ALA B 136 -13.05 1.79 -13.21
N LYS B 137 -12.62 0.54 -13.33
CA LYS B 137 -13.39 -0.45 -14.07
C LYS B 137 -14.68 -0.81 -13.36
N GLN B 138 -14.57 -1.06 -12.06
CA GLN B 138 -15.73 -1.42 -11.26
C GLN B 138 -16.81 -0.35 -11.16
N THR B 139 -16.39 0.91 -11.04
CA THR B 139 -17.33 2.01 -10.89
C THR B 139 -17.63 2.87 -12.10
N GLY B 140 -16.75 2.84 -13.10
CA GLY B 140 -16.97 3.66 -14.27
C GLY B 140 -16.66 5.12 -13.99
N LYS B 141 -15.99 5.38 -12.86
CA LYS B 141 -15.64 6.74 -12.50
C LYS B 141 -14.17 7.00 -12.77
N VAL B 142 -13.75 8.24 -12.59
CA VAL B 142 -12.34 8.58 -12.80
C VAL B 142 -11.52 8.36 -11.53
N VAL B 143 -10.36 7.74 -11.68
CA VAL B 143 -9.45 7.50 -10.59
C VAL B 143 -8.05 7.94 -11.00
N ILE B 144 -7.46 8.89 -10.27
CA ILE B 144 -6.13 9.39 -10.61
C ILE B 144 -5.07 8.83 -9.66
N ALA B 145 -4.01 8.28 -10.25
CA ALA B 145 -2.93 7.69 -9.47
C ALA B 145 -1.59 8.36 -9.79
N VAL B 146 -0.85 8.66 -8.72
CA VAL B 146 0.46 9.29 -8.82
C VAL B 146 1.45 8.60 -7.90
N SER B 147 2.42 7.90 -8.47
CA SER B 147 3.43 7.21 -7.66
C SER B 147 4.47 8.18 -7.13
N ARG B 148 5.07 7.79 -6.00
CA ARG B 148 6.10 8.60 -5.35
C ARG B 148 7.35 8.71 -6.22
N ARG B 149 7.79 7.58 -6.75
CA ARG B 149 8.99 7.49 -7.59
C ARG B 149 8.89 8.27 -8.90
N ARG B 150 8.11 7.74 -9.84
CA ARG B 150 7.93 8.38 -11.14
C ARG B 150 7.21 9.72 -11.06
N ASN B 151 7.14 10.44 -12.18
CA ASN B 151 6.49 11.75 -12.20
C ASN B 151 5.38 11.89 -13.25
N ILE B 152 4.71 10.80 -13.56
CA ILE B 152 3.63 10.84 -14.53
C ILE B 152 2.27 10.64 -13.86
N ILE B 153 1.25 11.31 -14.38
CA ILE B 153 -0.09 11.18 -13.84
C ILE B 153 -0.84 10.12 -14.63
N SER B 154 -1.22 9.02 -13.97
CA SER B 154 -1.97 7.98 -14.66
C SER B 154 -3.45 8.15 -14.39
N LEU B 155 -4.23 8.35 -15.45
CA LEU B 155 -5.67 8.52 -15.31
C LEU B 155 -6.40 7.27 -15.79
N TYR B 156 -7.33 6.79 -14.97
CA TYR B 156 -8.12 5.62 -15.30
C TYR B 156 -9.59 6.02 -15.32
N TYR B 157 -10.29 5.59 -16.35
CA TYR B 157 -11.71 5.88 -16.52
C TYR B 157 -12.31 4.68 -17.21
N LYS B 158 -13.29 4.04 -16.57
CA LYS B 158 -13.92 2.86 -17.14
C LYS B 158 -12.83 1.86 -17.47
N ASN B 159 -12.67 1.52 -18.76
CA ASN B 159 -11.64 0.58 -19.16
C ASN B 159 -10.50 1.29 -19.87
N TYR B 160 -10.46 2.60 -19.75
CA TYR B 160 -9.40 3.36 -20.38
C TYR B 160 -8.30 3.70 -19.38
N LYS B 161 -7.12 4.03 -19.91
CA LYS B 161 -5.96 4.43 -19.12
C LYS B 161 -5.19 5.44 -19.94
N TYR B 162 -4.96 6.62 -19.38
CA TYR B 162 -4.22 7.63 -20.09
C TYR B 162 -3.09 8.19 -19.23
N VAL B 163 -1.86 8.05 -19.71
CA VAL B 163 -0.71 8.55 -19.01
C VAL B 163 -0.50 9.99 -19.42
N VAL B 164 -0.59 10.92 -18.48
CA VAL B 164 -0.38 12.34 -18.76
C VAL B 164 1.08 12.69 -18.44
N ASN B 165 1.77 13.25 -19.42
CA ASN B 165 3.18 13.60 -19.26
C ASN B 165 3.43 14.99 -18.71
N GLN B 166 4.64 15.19 -18.21
CA GLN B 166 5.08 16.46 -17.65
C GLN B 166 5.22 17.46 -18.79
N VAL B 167 5.06 18.74 -18.45
CA VAL B 167 5.15 19.78 -19.46
C VAL B 167 6.48 19.82 -20.20
N ASP B 168 7.59 19.75 -19.48
CA ASP B 168 8.89 19.80 -20.15
C ASP B 168 9.07 18.69 -21.19
N PHE B 169 8.50 17.53 -20.93
CA PHE B 169 8.59 16.42 -21.87
C PHE B 169 7.77 16.75 -23.13
N LEU B 170 6.56 17.26 -22.92
CA LEU B 170 5.68 17.64 -24.02
C LEU B 170 6.29 18.76 -24.89
N ILE B 171 6.81 19.81 -24.25
CA ILE B 171 7.41 20.92 -24.96
C ILE B 171 8.57 20.49 -25.85
N SER B 172 9.38 19.57 -25.33
CA SER B 172 10.51 19.07 -26.08
C SER B 172 10.07 18.35 -27.35
N LYS B 173 9.04 17.50 -27.23
CA LYS B 173 8.53 16.77 -28.38
C LYS B 173 7.87 17.72 -29.37
N VAL B 174 7.07 18.64 -28.85
CA VAL B 174 6.35 19.60 -29.67
C VAL B 174 7.29 20.58 -30.34
N THR B 175 8.39 20.95 -29.68
CA THR B 175 9.37 21.87 -30.26
C THR B 175 10.08 21.16 -31.43
N GLN B 176 10.44 19.89 -31.23
CA GLN B 176 11.09 19.13 -32.29
C GLN B 176 10.15 18.99 -33.48
N ALA B 177 8.90 18.65 -33.20
CA ALA B 177 7.91 18.45 -34.25
C ALA B 177 7.70 19.70 -35.09
N ILE B 178 7.58 20.84 -34.42
CA ILE B 178 7.38 22.09 -35.13
C ILE B 178 8.61 22.39 -35.99
N SER B 179 9.79 22.13 -35.45
CA SER B 179 11.03 22.35 -36.19
C SER B 179 11.04 21.42 -37.41
N THR B 180 10.50 20.23 -37.26
CA THR B 180 10.43 19.27 -38.36
C THR B 180 9.46 19.83 -39.41
N LEU B 181 8.32 20.35 -38.96
CA LEU B 181 7.33 20.95 -39.83
C LEU B 181 7.89 22.10 -40.67
N GLU B 182 8.76 22.93 -40.08
CA GLU B 182 9.37 24.04 -40.81
C GLU B 182 10.11 23.45 -42.01
N LYS B 183 10.84 22.38 -41.77
CA LYS B 183 11.60 21.70 -42.82
C LYS B 183 10.66 21.27 -43.94
N TYR B 184 9.63 20.50 -43.58
CA TYR B 184 8.67 20.04 -44.56
C TYR B 184 8.03 21.20 -45.32
N LYS B 185 7.62 22.24 -44.58
CA LYS B 185 6.98 23.41 -45.18
C LYS B 185 7.93 24.08 -46.17
N ASP B 186 9.18 24.28 -45.76
CA ASP B 186 10.17 24.89 -46.65
C ASP B 186 10.22 24.17 -47.98
N ASN B 187 10.33 22.84 -47.94
CA ASN B 187 10.37 22.09 -49.18
C ASN B 187 9.05 22.21 -49.91
N PHE B 188 7.94 22.23 -49.17
CA PHE B 188 6.64 22.35 -49.80
C PHE B 188 6.61 23.65 -50.59
N ASN B 189 7.12 24.72 -49.99
CA ASN B 189 7.13 26.01 -50.67
C ASN B 189 7.97 25.96 -51.92
N LYS B 190 9.10 25.25 -51.84
CA LYS B 190 9.99 25.15 -52.99
C LYS B 190 9.29 24.41 -54.14
N LEU B 191 8.65 23.29 -53.83
CA LEU B 191 7.96 22.52 -54.86
C LEU B 191 6.83 23.33 -55.47
N LEU B 192 6.19 24.14 -54.65
CA LEU B 192 5.07 24.94 -55.11
C LEU B 192 5.50 26.06 -56.03
N SER B 193 6.62 26.71 -55.72
CA SER B 193 7.11 27.79 -56.58
C SER B 193 7.55 27.21 -57.93
N GLU B 194 8.02 25.97 -57.90
CA GLU B 194 8.46 25.26 -59.09
C GLU B 194 7.25 24.97 -59.96
N LEU B 195 6.21 24.42 -59.32
CA LEU B 195 4.98 24.06 -60.02
C LEU B 195 4.32 25.29 -60.60
N GLU B 196 4.44 26.42 -59.90
CA GLU B 196 3.88 27.66 -60.35
C GLU B 196 4.44 27.98 -61.73
N VAL B 197 5.76 28.01 -61.82
CA VAL B 197 6.41 28.29 -63.10
C VAL B 197 5.85 27.36 -64.17
N LEU B 198 5.95 26.06 -63.93
CA LEU B 198 5.46 25.08 -64.88
C LEU B 198 3.98 25.27 -65.21
N GLU B 199 3.19 25.66 -64.22
CA GLU B 199 1.76 25.85 -64.44
C GLU B 199 1.53 27.04 -65.37
N LEU B 200 2.26 28.13 -65.11
CA LEU B 200 2.16 29.32 -65.95
C LEU B 200 2.66 29.04 -67.37
N GLU B 201 3.62 28.14 -67.51
CA GLU B 201 4.15 27.81 -68.84
C GLU B 201 3.46 26.59 -69.47
N ASN B 202 2.45 26.07 -68.80
CA ASN B 202 1.72 24.90 -69.30
C ASN B 202 2.66 23.74 -69.66
N ARG B 203 3.57 23.40 -68.75
CA ARG B 203 4.53 22.31 -68.94
C ARG B 203 4.46 21.32 -67.77
N VAL B 204 3.32 21.22 -67.13
CA VAL B 204 3.19 20.32 -65.99
C VAL B 204 3.04 18.85 -66.37
N THR B 205 3.64 17.99 -65.57
CA THR B 205 3.55 16.55 -65.75
C THR B 205 2.95 16.04 -64.45
N LEU B 206 2.34 14.86 -64.50
CA LEU B 206 1.71 14.26 -63.33
C LEU B 206 2.67 14.10 -62.15
N ALA B 207 3.95 13.95 -62.45
CA ALA B 207 4.96 13.78 -61.41
C ALA B 207 5.12 15.06 -60.61
N ASP B 208 5.02 16.20 -61.28
CA ASP B 208 5.15 17.49 -60.61
C ASP B 208 4.02 17.67 -59.61
N VAL B 209 2.82 17.32 -60.04
CA VAL B 209 1.64 17.42 -59.21
C VAL B 209 1.68 16.49 -58.02
N VAL B 210 2.00 15.22 -58.28
CA VAL B 210 2.07 14.21 -57.24
C VAL B 210 3.13 14.53 -56.20
N ARG B 211 4.31 14.93 -56.67
CA ARG B 211 5.40 15.26 -55.77
C ARG B 211 4.99 16.41 -54.85
N THR B 212 4.23 17.36 -55.38
CA THR B 212 3.79 18.48 -54.60
C THR B 212 2.75 18.05 -53.55
N LEU B 213 1.72 17.35 -54.00
CA LEU B 213 0.66 16.86 -53.12
C LEU B 213 1.19 15.96 -52.00
N ALA B 214 2.15 15.11 -52.32
CA ALA B 214 2.72 14.20 -51.34
C ALA B 214 3.39 14.94 -50.20
N LYS B 215 4.17 15.97 -50.53
CA LYS B 215 4.84 16.76 -49.50
C LYS B 215 3.79 17.42 -48.61
N GLY B 216 2.76 17.99 -49.24
CA GLY B 216 1.70 18.64 -48.49
C GLY B 216 0.95 17.65 -47.61
N PHE B 217 0.74 16.43 -48.10
CA PHE B 217 0.03 15.41 -47.32
C PHE B 217 0.85 15.03 -46.10
N GLU B 218 2.13 14.77 -46.31
CA GLU B 218 3.03 14.41 -45.23
C GLU B 218 3.10 15.52 -44.19
N LEU B 219 3.08 16.76 -44.66
CA LEU B 219 3.16 17.90 -43.77
C LEU B 219 1.96 17.92 -42.81
N LEU B 220 0.76 17.74 -43.36
CA LEU B 220 -0.45 17.73 -42.56
C LEU B 220 -0.57 16.52 -41.64
N ARG B 221 0.08 15.41 -42.01
CA ARG B 221 0.04 14.20 -41.17
C ARG B 221 0.83 14.51 -39.90
N ILE B 222 1.92 15.24 -40.05
CA ILE B 222 2.76 15.62 -38.93
C ILE B 222 1.89 16.39 -37.93
N VAL B 223 1.09 17.31 -38.45
CA VAL B 223 0.20 18.10 -37.61
C VAL B 223 -0.77 17.16 -36.88
N GLU B 224 -1.29 16.16 -37.58
CA GLU B 224 -2.24 15.24 -36.98
C GLU B 224 -1.61 14.45 -35.84
N GLU B 225 -0.42 13.91 -36.09
CA GLU B 225 0.26 13.12 -35.09
C GLU B 225 0.67 13.94 -33.86
N ILE B 226 0.89 15.22 -34.06
CA ILE B 226 1.32 16.06 -32.96
C ILE B 226 0.15 16.61 -32.14
N ARG B 227 -1.05 16.62 -32.73
CA ARG B 227 -2.22 17.14 -32.04
C ARG B 227 -2.45 16.67 -30.61
N PRO B 228 -2.25 15.37 -30.34
CA PRO B 228 -2.46 14.93 -28.96
C PRO B 228 -1.54 15.54 -27.91
N TYR B 229 -0.30 15.84 -28.27
CA TYR B 229 0.63 16.45 -27.32
C TYR B 229 0.19 17.90 -27.06
N ILE B 230 -0.30 18.55 -28.11
CA ILE B 230 -0.77 19.94 -28.00
C ILE B 230 -1.94 20.00 -27.03
N VAL B 231 -2.90 19.10 -27.21
CA VAL B 231 -4.05 19.03 -26.33
C VAL B 231 -3.58 18.82 -24.90
N GLU B 232 -2.67 17.86 -24.75
CA GLU B 232 -2.11 17.51 -23.46
C GLU B 232 -1.37 18.68 -22.80
N LEU B 233 -0.88 19.64 -23.59
CA LEU B 233 -0.18 20.79 -23.05
C LEU B 233 -1.10 21.83 -22.41
N GLY B 234 -2.38 21.74 -22.71
CA GLY B 234 -3.32 22.69 -22.13
C GLY B 234 -2.96 24.14 -22.39
N GLU B 235 -2.98 24.95 -21.34
CA GLU B 235 -2.67 26.36 -21.46
C GLU B 235 -1.22 26.59 -21.85
N GLU B 236 -0.38 25.59 -21.59
CA GLU B 236 1.03 25.68 -21.93
C GLU B 236 1.27 25.41 -23.41
N GLY B 237 0.18 25.26 -24.18
CA GLY B 237 0.32 25.00 -25.59
C GLY B 237 -0.17 26.12 -26.48
N ARG B 238 -0.46 27.27 -25.89
CA ARG B 238 -0.96 28.40 -26.66
C ARG B 238 0.01 28.75 -27.79
N LEU B 239 1.25 29.06 -27.44
CA LEU B 239 2.26 29.41 -28.42
C LEU B 239 2.44 28.31 -29.46
N ALA B 240 2.43 27.05 -29.04
CA ALA B 240 2.58 25.94 -29.98
C ALA B 240 1.43 25.92 -30.99
N ARG B 241 0.22 26.23 -30.53
CA ARG B 241 -0.94 26.26 -31.40
C ARG B 241 -0.78 27.40 -32.42
N MET B 242 -0.36 28.55 -31.95
CA MET B 242 -0.17 29.69 -32.84
C MET B 242 0.86 29.38 -33.92
N GLN B 243 1.92 28.66 -33.53
CA GLN B 243 2.96 28.31 -34.49
C GLN B 243 2.46 27.35 -35.57
N LEU B 244 1.72 26.33 -35.15
CA LEU B 244 1.18 25.36 -36.09
C LEU B 244 0.23 26.08 -37.04
N ARG B 245 -0.51 27.05 -36.53
CA ARG B 245 -1.45 27.80 -37.33
C ARG B 245 -0.74 28.60 -38.44
N GLU B 246 0.28 29.36 -38.06
CA GLU B 246 1.04 30.17 -39.01
C GLU B 246 1.67 29.33 -40.09
N LEU B 247 2.21 28.18 -39.71
CA LEU B 247 2.87 27.28 -40.66
C LEU B 247 1.96 26.52 -41.61
N THR B 248 0.75 26.18 -41.17
CA THR B 248 -0.15 25.41 -42.00
C THR B 248 -1.38 26.15 -42.47
N GLU B 249 -1.47 27.44 -42.15
CA GLU B 249 -2.59 28.30 -42.53
C GLU B 249 -3.44 27.78 -43.69
N ASP B 250 -3.09 28.22 -44.90
CA ASP B 250 -3.85 27.84 -46.09
C ASP B 250 -3.32 26.63 -46.85
N VAL B 251 -2.64 25.73 -46.15
CA VAL B 251 -2.08 24.56 -46.82
C VAL B 251 -3.17 23.60 -47.29
N ASP B 252 -4.16 23.34 -46.44
CA ASP B 252 -5.24 22.44 -46.79
C ASP B 252 -6.05 22.93 -47.99
N ASP B 253 -6.46 24.20 -47.99
CA ASP B 253 -7.24 24.74 -49.10
C ASP B 253 -6.43 24.67 -50.40
N LEU B 254 -5.14 24.94 -50.29
CA LEU B 254 -4.27 24.89 -51.45
C LEU B 254 -4.23 23.48 -52.06
N LEU B 255 -4.11 22.46 -51.22
CA LEU B 255 -4.07 21.07 -51.70
C LEU B 255 -5.41 20.66 -52.34
N VAL B 256 -6.52 21.10 -51.75
CA VAL B 256 -7.83 20.79 -52.28
C VAL B 256 -7.95 21.38 -53.69
N LEU B 257 -7.41 22.58 -53.86
CA LEU B 257 -7.46 23.27 -55.15
C LEU B 257 -6.57 22.60 -56.20
N LEU B 258 -5.45 22.03 -55.79
CA LEU B 258 -4.56 21.35 -56.74
C LEU B 258 -5.26 20.09 -57.24
N ILE B 259 -5.98 19.45 -56.34
CA ILE B 259 -6.72 18.23 -56.65
C ILE B 259 -7.82 18.54 -57.65
N MET B 260 -8.46 19.69 -57.47
CA MET B 260 -9.53 20.11 -58.36
C MET B 260 -8.97 20.48 -59.73
N ASP B 261 -7.74 20.99 -59.73
CA ASP B 261 -7.10 21.42 -60.97
C ASP B 261 -6.44 20.32 -61.79
N TYR B 262 -6.05 19.24 -61.14
CA TYR B 262 -5.35 18.19 -61.85
C TYR B 262 -5.98 16.79 -61.85
N SER B 263 -7.06 16.59 -61.12
CA SER B 263 -7.71 15.28 -61.12
C SER B 263 -8.10 15.02 -62.58
N SER B 264 -7.99 13.78 -63.01
CA SER B 264 -8.31 13.41 -64.39
C SER B 264 -9.69 13.85 -64.86
N GLU B 265 -10.68 13.78 -63.96
CA GLU B 265 -12.03 14.21 -64.29
C GLU B 265 -12.47 15.33 -63.36
N GLU B 266 -13.44 16.11 -63.83
CA GLU B 266 -13.98 17.22 -63.06
C GLU B 266 -14.33 16.65 -61.69
N VAL B 267 -13.96 17.37 -60.62
CA VAL B 267 -14.24 16.93 -59.27
C VAL B 267 -14.74 18.09 -58.41
N GLU B 268 -15.73 17.83 -57.58
CA GLU B 268 -16.28 18.88 -56.73
C GLU B 268 -15.37 19.20 -55.54
N GLU B 269 -15.58 20.35 -54.92
CA GLU B 269 -14.76 20.74 -53.78
C GLU B 269 -14.91 19.71 -52.66
N GLU B 270 -16.15 19.40 -52.29
CA GLU B 270 -16.40 18.44 -51.22
C GLU B 270 -15.68 17.11 -51.45
N THR B 271 -15.64 16.67 -52.71
CA THR B 271 -14.96 15.41 -53.02
C THR B 271 -13.45 15.56 -52.86
N ALA B 272 -12.93 16.73 -53.22
CA ALA B 272 -11.51 16.99 -53.10
C ALA B 272 -11.15 17.05 -51.61
N GLN B 273 -11.99 17.72 -50.83
CA GLN B 273 -11.76 17.85 -49.40
C GLN B 273 -11.75 16.45 -48.78
N ASN B 274 -12.44 15.50 -49.41
CA ASN B 274 -12.48 14.15 -48.90
C ASN B 274 -11.24 13.35 -49.30
N ILE B 275 -10.65 13.70 -50.43
CA ILE B 275 -9.44 13.05 -50.91
C ILE B 275 -8.32 13.46 -49.95
N LEU B 276 -8.30 14.74 -49.61
CA LEU B 276 -7.31 15.31 -48.72
C LEU B 276 -7.38 14.57 -47.39
N GLN B 277 -8.58 14.50 -46.84
CA GLN B 277 -8.82 13.83 -45.57
C GLN B 277 -8.31 12.39 -45.61
N ASP B 278 -8.53 11.73 -46.72
CA ASP B 278 -8.12 10.34 -46.87
C ASP B 278 -6.59 10.16 -46.82
N PHE B 279 -5.86 10.99 -47.54
CA PHE B 279 -4.40 10.87 -47.55
C PHE B 279 -3.73 11.40 -46.28
N ILE B 280 -4.45 12.18 -45.50
CA ILE B 280 -3.90 12.73 -44.26
C ILE B 280 -4.04 11.73 -43.11
N THR B 281 -4.91 10.73 -43.28
CA THR B 281 -5.12 9.74 -42.24
C THR B 281 -5.08 8.29 -42.74
N ARG B 282 -6.20 7.81 -43.26
CA ARG B 282 -6.34 6.45 -43.76
C ARG B 282 -5.24 5.92 -44.69
N ARG B 283 -5.23 6.43 -45.91
CA ARG B 283 -4.30 6.00 -46.95
C ARG B 283 -2.90 6.63 -46.91
N GLU B 284 -1.92 5.88 -47.39
CA GLU B 284 -0.53 6.34 -47.41
C GLU B 284 -0.24 7.09 -48.72
N PRO B 285 0.33 8.31 -48.62
CA PRO B 285 0.63 9.13 -49.77
C PRO B 285 1.83 8.72 -50.63
N SER B 286 1.68 7.63 -51.37
CA SER B 286 2.74 7.16 -52.26
C SER B 286 2.41 7.68 -53.66
N PRO B 287 3.44 7.96 -54.47
CA PRO B 287 3.31 8.47 -55.85
C PRO B 287 2.22 7.80 -56.69
N ILE B 288 2.32 6.48 -56.82
CA ILE B 288 1.34 5.72 -57.60
C ILE B 288 -0.07 5.81 -57.04
N SER B 289 -0.19 5.76 -55.72
CA SER B 289 -1.50 5.81 -55.08
C SER B 289 -2.23 7.15 -55.29
N ILE B 290 -1.52 8.25 -55.13
CA ILE B 290 -2.11 9.57 -55.30
C ILE B 290 -2.58 9.75 -56.74
N SER B 291 -1.73 9.37 -57.70
CA SER B 291 -2.08 9.48 -59.10
C SER B 291 -3.31 8.62 -59.38
N ARG B 292 -3.34 7.42 -58.80
CA ARG B 292 -4.47 6.49 -58.95
C ARG B 292 -5.75 7.13 -58.46
N VAL B 293 -5.69 7.71 -57.27
CA VAL B 293 -6.86 8.36 -56.68
C VAL B 293 -7.27 9.61 -57.47
N LEU B 294 -6.32 10.16 -58.23
CA LEU B 294 -6.58 11.34 -59.03
C LEU B 294 -7.25 10.98 -60.36
N GLY B 295 -7.38 9.67 -60.61
CA GLY B 295 -8.02 9.22 -61.82
C GLY B 295 -7.07 8.86 -62.96
N TYR B 296 -5.85 8.48 -62.63
CA TYR B 296 -4.86 8.13 -63.64
C TYR B 296 -4.44 6.68 -63.52
N ASP B 297 -4.82 5.88 -64.51
CA ASP B 297 -4.47 4.46 -64.53
C ASP B 297 -2.96 4.30 -64.75
N VAL B 298 -2.19 4.52 -63.70
CA VAL B 298 -0.74 4.40 -63.78
C VAL B 298 -0.29 3.14 -63.06
N GLN B 299 0.84 2.59 -63.50
CA GLN B 299 1.37 1.37 -62.90
C GLN B 299 2.74 1.62 -62.26
N GLN B 300 3.67 2.11 -63.05
CA GLN B 300 5.04 2.38 -62.57
C GLN B 300 5.23 3.86 -62.25
N ALA B 301 5.84 4.13 -61.09
CA ALA B 301 6.09 5.51 -60.67
C ALA B 301 6.81 6.29 -61.77
N ALA B 302 7.70 5.61 -62.49
CA ALA B 302 8.46 6.25 -63.56
C ALA B 302 7.60 6.76 -64.72
N GLN B 303 6.36 6.27 -64.82
CA GLN B 303 5.47 6.70 -65.89
C GLN B 303 4.98 8.14 -65.70
N LEU B 304 4.91 8.58 -64.45
CA LEU B 304 4.43 9.93 -64.10
C LEU B 304 5.09 11.08 -64.87
N ASP B 305 6.40 11.00 -65.10
CA ASP B 305 7.10 12.06 -65.82
C ASP B 305 6.65 12.17 -67.27
N ASP B 306 5.98 11.14 -67.78
CA ASP B 306 5.52 11.13 -69.17
C ASP B 306 4.10 11.63 -69.36
N VAL B 307 3.34 11.67 -68.27
CA VAL B 307 1.94 12.11 -68.32
C VAL B 307 1.77 13.62 -68.18
N LEU B 308 1.36 14.28 -69.27
CA LEU B 308 1.16 15.72 -69.27
C LEU B 308 -0.22 16.10 -68.79
N VAL B 309 -0.30 17.19 -68.04
CA VAL B 309 -1.57 17.67 -67.51
C VAL B 309 -1.60 19.18 -67.45
N SER B 310 -2.80 19.75 -67.55
CA SER B 310 -2.99 21.18 -67.51
C SER B 310 -3.98 21.54 -66.41
N ALA B 311 -3.61 22.50 -65.59
CA ALA B 311 -4.47 22.93 -64.48
C ALA B 311 -5.78 23.49 -65.03
N ARG B 312 -6.87 23.17 -64.34
CA ARG B 312 -8.20 23.62 -64.72
C ARG B 312 -8.25 25.16 -64.55
N GLY B 313 -7.60 25.66 -63.49
CA GLY B 313 -7.56 27.09 -63.26
C GLY B 313 -8.20 27.55 -61.95
N TYR B 314 -8.69 26.62 -61.14
CA TYR B 314 -9.33 26.96 -59.87
C TYR B 314 -8.40 27.67 -58.87
N ARG B 315 -7.21 27.12 -58.64
CA ARG B 315 -6.26 27.70 -57.70
C ARG B 315 -6.00 29.18 -57.95
N LEU B 316 -5.63 29.50 -59.18
CA LEU B 316 -5.33 30.88 -59.54
C LEU B 316 -6.58 31.75 -59.41
N LEU B 317 -7.72 31.23 -59.85
CA LEU B 317 -8.95 32.01 -59.81
C LEU B 317 -9.41 32.36 -58.40
N LYS B 318 -9.28 31.43 -57.48
CA LYS B 318 -9.69 31.68 -56.11
C LYS B 318 -8.63 32.42 -55.29
N THR B 319 -7.45 31.84 -55.17
CA THR B 319 -6.41 32.47 -54.36
C THR B 319 -5.84 33.75 -54.93
N VAL B 320 -5.69 33.84 -56.23
CA VAL B 320 -5.12 35.06 -56.82
C VAL B 320 -6.17 36.04 -57.32
N ALA B 321 -7.09 35.59 -58.18
CA ALA B 321 -8.13 36.48 -58.71
C ALA B 321 -9.27 36.71 -57.72
N ARG B 322 -9.27 35.97 -56.62
CA ARG B 322 -10.30 36.09 -55.59
C ARG B 322 -11.71 35.80 -56.12
N ILE B 323 -11.79 34.87 -57.06
CA ILE B 323 -13.07 34.48 -57.64
C ILE B 323 -13.61 33.30 -56.81
N PRO B 324 -14.85 33.40 -56.32
CA PRO B 324 -15.42 32.31 -55.54
C PRO B 324 -15.53 31.08 -56.42
N LEU B 325 -15.26 29.91 -55.86
CA LEU B 325 -15.33 28.68 -56.64
C LEU B 325 -16.61 28.58 -57.46
N SER B 326 -17.74 28.97 -56.85
CA SER B 326 -19.02 28.92 -57.54
C SER B 326 -18.91 29.59 -58.90
N ILE B 327 -18.36 30.80 -58.94
CA ILE B 327 -18.19 31.49 -60.22
C ILE B 327 -17.02 30.86 -60.96
N GLY B 328 -16.10 30.28 -60.22
CA GLY B 328 -14.94 29.64 -60.82
C GLY B 328 -15.37 28.57 -61.80
N TYR B 329 -16.21 27.65 -61.32
CA TYR B 329 -16.69 26.57 -62.16
C TYR B 329 -17.16 27.10 -63.52
N ASN B 330 -17.86 28.22 -63.50
CA ASN B 330 -18.35 28.82 -64.74
C ASN B 330 -17.23 29.16 -65.69
N VAL B 331 -16.18 29.77 -65.15
CA VAL B 331 -15.03 30.18 -65.95
C VAL B 331 -14.36 28.97 -66.58
N VAL B 332 -14.20 27.93 -65.77
CA VAL B 332 -13.57 26.70 -66.22
C VAL B 332 -14.45 26.02 -67.27
N ARG B 333 -15.75 25.98 -66.99
CA ARG B 333 -16.71 25.36 -67.88
C ARG B 333 -16.60 25.92 -69.28
N MET B 334 -16.25 27.20 -69.39
CA MET B 334 -16.12 27.85 -70.68
C MET B 334 -14.73 27.79 -71.31
N PHE B 335 -13.69 28.08 -70.53
CA PHE B 335 -12.33 28.08 -71.04
C PHE B 335 -11.55 26.77 -70.83
N LYS B 336 -12.08 25.89 -69.99
CA LYS B 336 -11.44 24.59 -69.77
C LYS B 336 -10.16 24.59 -68.95
N THR B 337 -9.17 25.35 -69.39
CA THR B 337 -7.88 25.38 -68.70
C THR B 337 -7.33 26.77 -68.40
N LEU B 338 -6.40 26.83 -67.45
CA LEU B 338 -5.75 28.06 -67.06
C LEU B 338 -5.04 28.64 -68.28
N ASP B 339 -4.55 27.77 -69.14
CA ASP B 339 -3.85 28.19 -70.35
C ASP B 339 -4.79 29.05 -71.22
N GLN B 340 -6.02 28.59 -71.44
CA GLN B 340 -6.99 29.34 -72.23
C GLN B 340 -7.38 30.61 -71.48
N ILE B 341 -7.71 30.45 -70.20
CA ILE B 341 -8.10 31.58 -69.36
C ILE B 341 -7.08 32.71 -69.44
N SER B 342 -5.80 32.35 -69.48
CA SER B 342 -4.73 33.33 -69.52
C SER B 342 -4.62 34.03 -70.87
N LYS B 343 -5.26 33.46 -71.89
CA LYS B 343 -5.20 34.07 -73.20
C LYS B 343 -6.47 34.87 -73.50
N ALA B 344 -7.51 34.64 -72.71
CA ALA B 344 -8.77 35.34 -72.89
C ALA B 344 -8.65 36.85 -72.64
N SER B 345 -9.57 37.62 -73.21
CA SER B 345 -9.57 39.06 -73.03
C SER B 345 -10.69 39.41 -72.05
N VAL B 346 -10.70 40.64 -71.56
CA VAL B 346 -11.73 41.05 -70.62
C VAL B 346 -13.08 40.79 -71.29
N GLU B 347 -13.19 41.23 -72.54
CA GLU B 347 -14.41 41.05 -73.32
C GLU B 347 -14.80 39.58 -73.30
N ASP B 348 -13.82 38.72 -73.57
CA ASP B 348 -14.04 37.27 -73.57
C ASP B 348 -14.48 36.77 -72.20
N LEU B 349 -13.73 37.17 -71.18
CA LEU B 349 -14.04 36.75 -69.81
C LEU B 349 -15.42 37.18 -69.36
N LYS B 350 -15.85 38.36 -69.79
CA LYS B 350 -17.18 38.87 -69.42
C LYS B 350 -18.31 37.99 -69.95
N LYS B 351 -18.08 37.34 -71.10
CA LYS B 351 -19.08 36.45 -71.69
C LYS B 351 -19.50 35.37 -70.69
N VAL B 352 -18.70 35.18 -69.63
CA VAL B 352 -18.98 34.17 -68.61
C VAL B 352 -19.94 34.70 -67.55
N GLU B 353 -20.85 33.87 -67.10
CA GLU B 353 -21.81 34.28 -66.08
C GLU B 353 -21.08 34.52 -64.77
N GLY B 354 -21.45 35.59 -64.07
CA GLY B 354 -20.84 35.89 -62.78
C GLY B 354 -19.61 36.77 -62.91
N ILE B 355 -19.21 37.07 -64.14
CA ILE B 355 -18.04 37.91 -64.36
C ILE B 355 -18.39 39.25 -64.98
N GLY B 356 -18.23 40.31 -64.20
CA GLY B 356 -18.50 41.64 -64.68
C GLY B 356 -17.19 42.27 -65.09
N GLU B 357 -17.17 43.59 -65.23
CA GLU B 357 -15.94 44.27 -65.61
C GLU B 357 -14.88 44.07 -64.55
N LYS B 358 -15.29 44.11 -63.28
CA LYS B 358 -14.37 43.96 -62.17
C LYS B 358 -13.69 42.60 -62.07
N ARG B 359 -14.47 41.54 -62.11
CA ARG B 359 -13.90 40.21 -62.03
C ARG B 359 -13.07 39.81 -63.25
N ALA B 360 -13.48 40.27 -64.42
CA ALA B 360 -12.76 39.96 -65.66
C ALA B 360 -11.40 40.65 -65.61
N ARG B 361 -11.40 41.88 -65.10
CA ARG B 361 -10.18 42.66 -65.00
C ARG B 361 -9.26 42.02 -63.94
N ALA B 362 -9.83 41.48 -62.89
CA ALA B 362 -9.05 40.85 -61.82
C ALA B 362 -8.38 39.57 -62.33
N ILE B 363 -9.17 38.74 -63.00
CA ILE B 363 -8.67 37.48 -63.56
C ILE B 363 -7.56 37.75 -64.56
N SER B 364 -7.90 38.56 -65.56
CA SER B 364 -6.97 38.92 -66.60
C SER B 364 -5.68 39.54 -66.10
N GLU B 365 -5.79 40.60 -65.30
CA GLU B 365 -4.61 41.29 -64.78
C GLU B 365 -3.77 40.46 -63.81
N SER B 366 -4.42 39.73 -62.91
CA SER B 366 -3.67 38.93 -61.97
C SER B 366 -2.87 37.83 -62.67
N ILE B 367 -3.46 37.20 -63.69
CA ILE B 367 -2.74 36.16 -64.41
C ILE B 367 -1.59 36.78 -65.21
N SER B 368 -1.89 37.87 -65.91
CA SER B 368 -0.86 38.55 -66.69
C SER B 368 0.27 39.02 -65.79
N SER B 369 -0.07 39.48 -64.60
CA SER B 369 0.95 39.96 -63.64
C SER B 369 1.86 38.78 -63.24
N LEU B 370 1.26 37.64 -62.92
CA LEU B 370 2.05 36.48 -62.52
C LEU B 370 2.98 35.99 -63.61
N LYS B 371 2.48 35.94 -64.84
CA LYS B 371 3.29 35.49 -65.98
C LYS B 371 4.51 36.36 -66.23
N HIS B 372 4.35 37.67 -66.11
CA HIS B 372 5.45 38.59 -66.33
C HIS B 372 6.50 38.52 -65.21
N ARG B 373 6.04 38.32 -63.98
CA ARG B 373 6.96 38.24 -62.85
C ARG B 373 7.60 36.87 -62.60
N LYS B 374 6.86 35.79 -62.80
CA LYS B 374 7.38 34.44 -62.54
C LYS B 374 8.04 33.77 -63.73
N THR B 375 7.64 34.12 -64.95
CA THR B 375 8.23 33.51 -66.14
C THR B 375 8.66 34.54 -67.17
#